data_7EJI
#
_entry.id   7EJI
#
_cell.length_a   129.040
_cell.length_b   55.780
_cell.length_c   128.850
_cell.angle_alpha   90.000
_cell.angle_beta   103.666
_cell.angle_gamma   90.000
#
_symmetry.space_group_name_H-M   'C 1 2 1'
#
loop_
_entity.id
_entity.type
_entity.pdbx_description
1 polymer '3-alpha-(Or 20-beta)-hydroxysteroid dehydrogenase'
2 non-polymer 'MAGNESIUM ION'
3 non-polymer 2-[BIS-(2-HYDROXY-ETHYL)-AMINO]-2-HYDROXYMETHYL-PROPANE-1,3-DIOL
4 non-polymer GLYCEROL
5 non-polymer 'NADP NICOTINAMIDE-ADENINE-DINUCLEOTIDE PHOSPHATE'
6 non-polymer 2-oxidanylisoindole-1,3-dione
7 non-polymer 'methyl 2-methylprop-2-enoate'
8 non-polymer 1,2-ETHANEDIOL
9 non-polymer DI(HYDROXYETHYL)ETHER
10 water water
#
_entity_poly.entity_id   1
_entity_poly.type   'polypeptide(L)'
_entity_poly.pdbx_seq_one_letter_code
;GMTDRLKGKVAIVTGGTLGIGLAIADKFVEEGAKVVITGRHADVGEKAAKSIGGTDVIRFVQHDASDEAGWTKLFDTTEE
AFGPVTTVVNNAGIAVSKSVEDTTTEEWRKLLSVNLDGVFFGTRLGIQRMKNKGLGASIINMSSIEGLVGDPTQGAYNAS
KGAVRIMSKSAALDCALKDYDVRVNTVHPGPIKTPLVDDAEGAEEFFSQRTKTPMGHIGEPNDIAWICVYLASDESKFAT
GAEFVVDGGYTAQ
;
_entity_poly.pdbx_strand_id   A,B,C,D
#
loop_
_chem_comp.id
_chem_comp.type
_chem_comp.name
_chem_comp.formula
BTB non-polymer 2-[BIS-(2-HYDROXY-ETHYL)-AMINO]-2-HYDROXYMETHYL-PROPANE-1,3-DIOL 'C8 H19 N O5'
EDO non-polymer 1,2-ETHANEDIOL 'C2 H6 O2'
GOL non-polymer GLYCEROL 'C3 H8 O3'
J66 non-polymer 2-oxidanylisoindole-1,3-dione 'C8 H5 N O3'
J69 non-polymer 'methyl 2-methylprop-2-enoate' 'C5 H8 O2'
MG non-polymer 'MAGNESIUM ION' 'Mg 2'
NAP non-polymer 'NADP NICOTINAMIDE-ADENINE-DINUCLEOTIDE PHOSPHATE' 'C21 H28 N7 O17 P3'
PEG non-polymer DI(HYDROXYETHYL)ETHER 'C4 H10 O3'
#
# COMPACT_ATOMS: atom_id res chain seq x y z
N GLY A 1 20.23 20.13 16.29
CA GLY A 1 20.22 20.41 17.72
C GLY A 1 21.61 20.50 18.29
N MET A 2 21.70 20.58 19.61
CA MET A 2 23.00 20.80 20.26
C MET A 2 23.71 19.51 20.65
N THR A 3 23.08 18.34 20.47
CA THR A 3 23.69 17.08 20.86
C THR A 3 23.81 16.15 19.66
N ASP A 4 24.87 15.33 19.68
CA ASP A 4 25.05 14.25 18.71
C ASP A 4 23.86 13.31 18.73
N ARG A 5 23.16 13.20 17.59
CA ARG A 5 21.94 12.42 17.56
C ARG A 5 22.17 10.91 17.65
N LEU A 6 23.41 10.43 17.46
CA LEU A 6 23.72 9.01 17.53
C LEU A 6 24.79 8.73 18.58
N LYS A 7 24.83 9.55 19.63
CA LYS A 7 25.82 9.36 20.69
C LYS A 7 25.73 7.95 21.26
N GLY A 8 26.88 7.27 21.29
CA GLY A 8 26.96 5.94 21.86
C GLY A 8 26.57 4.82 20.94
N LYS A 9 26.05 5.10 19.75
CA LYS A 9 25.68 4.04 18.84
C LYS A 9 26.91 3.44 18.19
N VAL A 10 26.83 2.14 17.89
CA VAL A 10 27.84 1.39 17.17
C VAL A 10 27.15 0.73 15.99
N ALA A 11 27.52 1.11 14.77
CA ALA A 11 26.78 0.74 13.56
C ALA A 11 27.64 -0.12 12.65
N ILE A 12 27.02 -1.13 12.06
CA ILE A 12 27.57 -1.86 10.90
C ILE A 12 26.81 -1.40 9.68
N VAL A 13 27.52 -0.93 8.65
CA VAL A 13 26.88 -0.48 7.41
C VAL A 13 27.45 -1.35 6.29
N THR A 14 26.66 -2.29 5.77
CA THR A 14 27.18 -3.14 4.70
C THR A 14 27.16 -2.38 3.39
N GLY A 15 28.16 -2.62 2.55
CA GLY A 15 28.25 -1.79 1.37
C GLY A 15 28.44 -0.33 1.72
N GLY A 16 29.32 -0.04 2.68
CA GLY A 16 29.49 1.31 3.15
C GLY A 16 30.65 2.06 2.57
N THR A 17 31.19 1.57 1.45
CA THR A 17 32.41 2.16 0.90
C THR A 17 32.17 3.02 -0.32
N LEU A 18 30.97 2.99 -0.90
CA LEU A 18 30.60 3.87 -2.00
C LEU A 18 29.14 4.28 -1.85
N GLY A 19 28.77 5.32 -2.60
CA GLY A 19 27.35 5.62 -2.83
C GLY A 19 26.58 5.85 -1.55
N ILE A 20 25.40 5.22 -1.48
CA ILE A 20 24.48 5.45 -0.36
C ILE A 20 25.12 5.05 0.95
N GLY A 21 25.70 3.85 1.01
CA GLY A 21 26.29 3.37 2.24
C GLY A 21 27.41 4.24 2.75
N LEU A 22 28.24 4.78 1.85
CA LEU A 22 29.30 5.70 2.25
C LEU A 22 28.73 6.95 2.90
N ALA A 23 27.65 7.51 2.35
CA ALA A 23 27.03 8.69 2.93
C ALA A 23 26.39 8.36 4.28
N ILE A 24 25.79 7.17 4.40
CA ILE A 24 25.24 6.74 5.69
C ILE A 24 26.34 6.67 6.74
N ALA A 25 27.45 6.02 6.39
CA ALA A 25 28.59 5.95 7.31
C ALA A 25 29.09 7.34 7.66
N ASP A 26 29.22 8.23 6.66
CA ASP A 26 29.73 9.57 6.88
C ASP A 26 28.85 10.34 7.87
N LYS A 27 27.53 10.35 7.64
CA LYS A 27 26.66 11.09 8.55
C LYS A 27 26.51 10.38 9.89
N PHE A 28 26.62 9.05 9.93
CA PHE A 28 26.61 8.36 11.22
C PHE A 28 27.76 8.85 12.10
N VAL A 29 28.95 8.96 11.52
CA VAL A 29 30.10 9.42 12.29
C VAL A 29 29.91 10.87 12.72
N GLU A 30 29.42 11.70 11.81
CA GLU A 30 29.13 13.10 12.14
C GLU A 30 28.20 13.21 13.33
N GLU A 31 27.28 12.26 13.51
CA GLU A 31 26.33 12.30 14.62
C GLU A 31 26.80 11.49 15.83
N GLY A 32 28.07 11.08 15.85
CA GLY A 32 28.67 10.50 17.04
C GLY A 32 28.71 9.00 17.11
N ALA A 33 28.24 8.29 16.08
CA ALA A 33 28.32 6.85 16.08
C ALA A 33 29.74 6.39 15.75
N LYS A 34 30.08 5.19 16.21
CA LYS A 34 31.22 4.45 15.70
C LYS A 34 30.72 3.49 14.64
N VAL A 35 31.45 3.39 13.53
CA VAL A 35 30.95 2.68 12.36
C VAL A 35 31.97 1.66 11.85
N VAL A 36 31.49 0.48 11.50
CA VAL A 36 32.23 -0.45 10.65
C VAL A 36 31.52 -0.49 9.30
N ILE A 37 32.24 -0.17 8.23
CA ILE A 37 31.74 -0.28 6.88
C ILE A 37 32.31 -1.53 6.25
N THR A 38 31.52 -2.23 5.45
CA THR A 38 31.97 -3.40 4.71
C THR A 38 31.88 -3.18 3.20
N GLY A 39 32.60 -4.03 2.50
CA GLY A 39 32.60 -4.09 1.04
C GLY A 39 33.50 -5.24 0.64
N ARG A 40 33.45 -5.56 -0.65
CA ARG A 40 34.28 -6.67 -1.14
C ARG A 40 35.70 -6.22 -1.47
N HIS A 41 35.88 -4.95 -1.85
CA HIS A 41 37.16 -4.47 -2.38
C HIS A 41 37.88 -3.65 -1.33
N ALA A 42 39.00 -4.19 -0.82
CA ALA A 42 39.69 -3.55 0.30
C ALA A 42 40.36 -2.25 -0.09
N ASP A 43 40.78 -2.10 -1.35
CA ASP A 43 41.34 -0.83 -1.79
C ASP A 43 40.33 0.29 -1.62
N VAL A 44 39.13 0.08 -2.12
CA VAL A 44 38.05 1.05 -1.98
C VAL A 44 37.69 1.22 -0.50
N GLY A 45 37.59 0.10 0.22
CA GLY A 45 37.14 0.15 1.60
C GLY A 45 38.07 0.92 2.51
N GLU A 46 39.37 0.61 2.46
CA GLU A 46 40.30 1.31 3.35
C GLU A 46 40.35 2.80 3.05
N LYS A 47 40.26 3.18 1.77
CA LYS A 47 40.23 4.59 1.43
C LYS A 47 38.94 5.25 1.91
N ALA A 48 37.82 4.53 1.80
CA ALA A 48 36.54 5.06 2.26
C ALA A 48 36.58 5.37 3.75
N ALA A 49 37.10 4.44 4.55
CA ALA A 49 37.16 4.66 5.99
C ALA A 49 38.00 5.88 6.31
N LYS A 50 39.19 5.98 5.70
CA LYS A 50 40.06 7.11 6.00
C LYS A 50 39.45 8.43 5.53
N SER A 51 38.62 8.41 4.50
CA SER A 51 37.98 9.63 4.02
C SER A 51 36.97 10.19 5.03
N ILE A 52 36.54 9.39 6.01
CA ILE A 52 35.55 9.81 6.99
C ILE A 52 36.17 10.09 8.35
N GLY A 53 37.17 9.31 8.75
CA GLY A 53 37.83 9.58 10.01
C GLY A 53 38.86 8.53 10.33
N GLY A 54 39.35 8.58 11.57
CA GLY A 54 40.34 7.64 12.05
C GLY A 54 39.70 6.38 12.61
N THR A 55 40.56 5.44 13.00
CA THR A 55 40.08 4.17 13.53
C THR A 55 39.39 4.31 14.88
N ASP A 56 39.44 5.49 15.50
CA ASP A 56 38.69 5.69 16.73
C ASP A 56 37.19 5.80 16.45
N VAL A 57 36.81 6.13 15.21
CA VAL A 57 35.40 6.32 14.88
C VAL A 57 34.92 5.43 13.74
N ILE A 58 35.80 4.92 12.88
CA ILE A 58 35.34 4.17 11.71
C ILE A 58 36.42 3.21 11.26
N ARG A 59 35.99 2.01 10.87
CA ARG A 59 36.90 0.98 10.36
C ARG A 59 36.24 0.24 9.20
N PHE A 60 37.07 -0.29 8.31
CA PHE A 60 36.63 -1.13 7.20
C PHE A 60 36.86 -2.59 7.53
N VAL A 61 35.89 -3.44 7.17
CA VAL A 61 36.03 -4.89 7.23
C VAL A 61 35.63 -5.46 5.88
N GLN A 62 36.52 -6.21 5.27
CA GLN A 62 36.25 -6.84 3.99
C GLN A 62 35.30 -8.02 4.19
N HIS A 63 34.10 -7.93 3.61
CA HIS A 63 33.10 -8.94 3.82
C HIS A 63 32.10 -8.90 2.68
N ASP A 64 31.82 -10.07 2.10
CA ASP A 64 30.73 -10.23 1.15
C ASP A 64 29.46 -10.54 1.92
N ALA A 65 28.42 -9.72 1.73
CA ALA A 65 27.19 -9.88 2.52
C ALA A 65 26.54 -11.25 2.33
N SER A 66 26.80 -11.91 1.20
CA SER A 66 26.28 -13.25 0.96
C SER A 66 27.05 -14.32 1.72
N ASP A 67 28.14 -13.96 2.37
CA ASP A 67 29.03 -14.91 3.07
C ASP A 67 28.56 -15.03 4.52
N GLU A 68 27.82 -16.10 4.80
CA GLU A 68 27.15 -16.26 6.09
C GLU A 68 28.15 -16.40 7.23
N ALA A 69 29.20 -17.19 7.05
CA ALA A 69 30.18 -17.38 8.12
C ALA A 69 30.88 -16.06 8.44
N GLY A 70 31.16 -15.24 7.42
CA GLY A 70 31.79 -13.96 7.63
C GLY A 70 30.97 -12.98 8.43
N TRP A 71 29.64 -13.16 8.45
CA TRP A 71 28.81 -12.28 9.26
C TRP A 71 29.17 -12.40 10.75
N THR A 72 29.40 -13.63 11.21
CA THR A 72 29.83 -13.84 12.59
C THR A 72 31.15 -13.11 12.88
N LYS A 73 32.14 -13.27 12.00
CA LYS A 73 33.42 -12.59 12.21
C LYS A 73 33.25 -11.08 12.18
N LEU A 74 32.36 -10.58 11.31
CA LEU A 74 32.16 -9.14 11.21
C LEU A 74 31.63 -8.56 12.52
N PHE A 75 30.62 -9.21 13.12
CA PHE A 75 30.12 -8.73 14.41
C PHE A 75 31.18 -8.87 15.50
N ASP A 76 31.90 -9.99 15.51
CA ASP A 76 33.01 -10.16 16.46
C ASP A 76 34.02 -9.02 16.32
N THR A 77 34.46 -8.74 15.10
CA THR A 77 35.42 -7.67 14.88
C THR A 77 34.86 -6.33 15.35
N THR A 78 33.59 -6.05 15.04
CA THR A 78 33.03 -4.75 15.42
C THR A 78 32.97 -4.61 16.94
N GLU A 79 32.58 -5.66 17.64
CA GLU A 79 32.51 -5.59 19.10
C GLU A 79 33.87 -5.34 19.70
N GLU A 80 34.89 -6.04 19.18
CA GLU A 80 36.23 -5.88 19.69
C GLU A 80 36.74 -4.47 19.45
N ALA A 81 36.34 -3.84 18.33
CA ALA A 81 36.77 -2.48 18.08
C ALA A 81 36.01 -1.47 18.94
N PHE A 82 34.68 -1.59 19.01
CA PHE A 82 33.84 -0.51 19.48
C PHE A 82 32.86 -0.90 20.59
N GLY A 83 32.72 -2.18 20.91
CA GLY A 83 31.75 -2.60 21.89
C GLY A 83 30.48 -3.08 21.23
N PRO A 84 29.44 -3.35 22.03
CA PRO A 84 28.24 -4.01 21.50
C PRO A 84 27.59 -3.23 20.37
N VAL A 85 27.29 -3.94 19.28
CA VAL A 85 26.66 -3.31 18.11
C VAL A 85 25.25 -2.89 18.49
N THR A 86 24.84 -1.69 18.06
CA THR A 86 23.49 -1.15 18.29
C THR A 86 22.71 -0.94 17.02
N THR A 87 23.35 -1.00 15.87
CA THR A 87 22.74 -0.48 14.65
C THR A 87 23.30 -1.28 13.49
N VAL A 88 22.40 -1.82 12.67
CA VAL A 88 22.79 -2.60 11.51
C VAL A 88 22.07 -2.01 10.32
N VAL A 89 22.84 -1.57 9.32
CA VAL A 89 22.27 -1.07 8.06
C VAL A 89 22.60 -2.09 6.98
N ASN A 90 21.60 -2.86 6.54
CA ASN A 90 21.78 -3.87 5.50
C ASN A 90 21.62 -3.17 4.15
N ASN A 91 22.72 -2.61 3.66
CA ASN A 91 22.66 -1.74 2.49
C ASN A 91 23.30 -2.36 1.25
N ALA A 92 24.23 -3.31 1.41
CA ALA A 92 24.87 -3.94 0.27
C ALA A 92 23.84 -4.53 -0.68
N GLY A 93 24.00 -4.26 -1.98
CA GLY A 93 23.07 -4.77 -2.96
C GLY A 93 23.63 -4.56 -4.34
N ILE A 94 23.14 -5.38 -5.27
CA ILE A 94 23.56 -5.33 -6.67
C ILE A 94 22.31 -5.35 -7.54
N ALA A 95 22.52 -5.08 -8.83
CA ALA A 95 21.41 -5.03 -9.76
C ALA A 95 21.75 -5.83 -11.00
N VAL A 96 20.70 -6.14 -11.76
CA VAL A 96 20.77 -6.94 -12.98
C VAL A 96 19.72 -6.38 -13.93
N SER A 97 20.14 -5.85 -15.09
CA SER A 97 19.20 -5.22 -16.02
C SER A 97 18.67 -6.29 -16.97
N LYS A 98 17.67 -7.03 -16.47
CA LYS A 98 16.99 -8.08 -17.23
C LYS A 98 15.53 -8.11 -16.83
N SER A 99 14.65 -8.24 -17.82
CA SER A 99 13.28 -8.61 -17.52
C SER A 99 13.25 -9.98 -16.87
N VAL A 100 12.12 -10.29 -16.23
CA VAL A 100 11.90 -11.64 -15.71
C VAL A 100 12.13 -12.66 -16.81
N GLU A 101 11.51 -12.43 -17.97
CA GLU A 101 11.63 -13.34 -19.11
C GLU A 101 13.09 -13.63 -19.48
N ASP A 102 13.95 -12.61 -19.42
CA ASP A 102 15.32 -12.70 -19.91
C ASP A 102 16.34 -12.97 -18.81
N THR A 103 15.89 -13.16 -17.56
CA THR A 103 16.81 -13.38 -16.45
C THR A 103 17.34 -14.81 -16.49
N THR A 104 18.66 -14.97 -16.58
CA THR A 104 19.19 -16.31 -16.44
C THR A 104 19.08 -16.75 -14.99
N THR A 105 19.00 -18.06 -14.78
CA THR A 105 18.93 -18.56 -13.41
C THR A 105 20.19 -18.21 -12.62
N GLU A 106 21.36 -18.17 -13.28
CA GLU A 106 22.57 -17.75 -12.59
C GLU A 106 22.46 -16.30 -12.12
N GLU A 107 21.93 -15.40 -12.98
CA GLU A 107 21.74 -14.01 -12.58
C GLU A 107 20.77 -13.90 -11.41
N TRP A 108 19.69 -14.69 -11.46
CA TRP A 108 18.68 -14.73 -10.41
C TRP A 108 19.30 -15.10 -9.07
N ARG A 109 20.03 -16.22 -9.05
CA ARG A 109 20.63 -16.71 -7.80
C ARG A 109 21.70 -15.75 -7.29
N LYS A 110 22.52 -15.20 -8.19
CA LYS A 110 23.58 -14.30 -7.73
C LYS A 110 23.00 -13.05 -7.07
N LEU A 111 22.02 -12.43 -7.71
CA LEU A 111 21.49 -11.21 -7.12
C LEU A 111 20.79 -11.49 -5.79
N LEU A 112 20.00 -12.58 -5.73
CA LEU A 112 19.26 -12.85 -4.51
C LEU A 112 20.19 -13.27 -3.37
N SER A 113 21.33 -13.87 -3.69
N SER A 113 21.33 -13.87 -3.69
CA SER A 113 22.26 -14.23 -2.63
CA SER A 113 22.27 -14.24 -2.63
C SER A 113 22.77 -13.00 -1.89
C SER A 113 22.76 -13.00 -1.90
N VAL A 114 22.95 -11.89 -2.61
CA VAL A 114 23.39 -10.67 -1.97
C VAL A 114 22.21 -9.89 -1.42
N ASN A 115 21.21 -9.63 -2.26
CA ASN A 115 20.17 -8.68 -1.91
C ASN A 115 19.17 -9.24 -0.92
N LEU A 116 18.94 -10.54 -0.95
CA LEU A 116 17.98 -11.18 -0.05
C LEU A 116 18.69 -11.98 1.04
N ASP A 117 19.51 -12.97 0.67
CA ASP A 117 20.16 -13.76 1.71
C ASP A 117 21.04 -12.89 2.60
N GLY A 118 21.77 -11.94 2.02
CA GLY A 118 22.62 -11.08 2.81
C GLY A 118 21.85 -10.25 3.83
N VAL A 119 20.68 -9.74 3.43
CA VAL A 119 19.86 -8.98 4.36
C VAL A 119 19.26 -9.89 5.42
N PHE A 120 18.89 -11.11 5.03
CA PHE A 120 18.45 -12.10 6.03
C PHE A 120 19.56 -12.40 7.03
N PHE A 121 20.78 -12.70 6.54
CA PHE A 121 21.87 -13.02 7.46
C PHE A 121 22.11 -11.87 8.44
N GLY A 122 22.10 -10.63 7.94
CA GLY A 122 22.41 -9.49 8.78
C GLY A 122 21.28 -9.14 9.73
N THR A 123 20.03 -9.33 9.31
CA THR A 123 18.90 -9.11 10.20
C THR A 123 18.85 -10.16 11.30
N ARG A 124 18.95 -11.44 10.93
CA ARG A 124 18.91 -12.51 11.93
C ARG A 124 20.03 -12.33 12.95
N LEU A 125 21.26 -12.08 12.48
CA LEU A 125 22.36 -11.91 13.41
C LEU A 125 22.22 -10.64 14.24
N GLY A 126 21.70 -9.57 13.65
CA GLY A 126 21.51 -8.34 14.41
C GLY A 126 20.54 -8.55 15.56
N ILE A 127 19.46 -9.27 15.30
CA ILE A 127 18.51 -9.54 16.39
C ILE A 127 19.21 -10.35 17.48
N GLN A 128 19.92 -11.41 17.08
CA GLN A 128 20.55 -12.28 18.09
C GLN A 128 21.55 -11.53 18.93
N ARG A 129 22.31 -10.63 18.31
CA ARG A 129 23.37 -9.92 19.01
C ARG A 129 22.91 -8.69 19.76
N MET A 130 21.76 -8.11 19.40
CA MET A 130 21.37 -6.86 20.01
C MET A 130 20.16 -6.97 20.92
N LYS A 131 19.43 -8.08 20.88
CA LYS A 131 18.23 -8.19 21.70
C LYS A 131 18.57 -8.13 23.18
N ASN A 132 17.66 -7.52 23.93
CA ASN A 132 17.61 -7.59 25.40
C ASN A 132 18.76 -6.86 26.08
N LYS A 133 19.41 -5.90 25.39
CA LYS A 133 20.55 -5.19 25.94
C LYS A 133 20.28 -3.73 26.22
N GLY A 134 19.05 -3.24 26.02
CA GLY A 134 18.77 -1.84 26.32
C GLY A 134 19.54 -0.85 25.49
N LEU A 135 19.92 -1.24 24.27
CA LEU A 135 20.76 -0.43 23.40
C LEU A 135 19.99 0.55 22.54
N GLY A 136 18.66 0.48 22.51
CA GLY A 136 17.92 1.23 21.52
C GLY A 136 18.35 0.79 20.13
N ALA A 137 18.39 -0.52 19.94
CA ALA A 137 18.94 -1.08 18.71
C ALA A 137 18.00 -0.82 17.52
N SER A 138 18.62 -0.72 16.34
CA SER A 138 17.86 -0.41 15.13
C SER A 138 18.49 -1.13 13.95
N ILE A 139 17.67 -1.90 13.23
CA ILE A 139 18.07 -2.57 11.99
C ILE A 139 17.37 -1.84 10.84
N ILE A 140 18.15 -1.35 9.89
CA ILE A 140 17.64 -0.54 8.77
C ILE A 140 17.95 -1.34 7.52
N ASN A 141 16.90 -1.83 6.85
CA ASN A 141 17.09 -2.67 5.68
C ASN A 141 16.80 -1.88 4.43
N MET A 142 17.77 -1.85 3.52
CA MET A 142 17.68 -1.02 2.32
C MET A 142 16.86 -1.77 1.29
N SER A 143 15.61 -1.34 1.14
CA SER A 143 14.82 -1.81 0.03
C SER A 143 14.96 -0.80 -1.11
N SER A 144 13.85 -0.43 -1.73
CA SER A 144 13.88 0.45 -2.90
C SER A 144 12.43 0.82 -3.21
N ILE A 145 12.25 1.86 -4.03
CA ILE A 145 10.95 1.99 -4.68
C ILE A 145 10.64 0.72 -5.46
N GLU A 146 11.68 -0.02 -5.90
CA GLU A 146 11.48 -1.28 -6.60
C GLU A 146 11.09 -2.40 -5.68
N GLY A 147 10.86 -2.11 -4.39
CA GLY A 147 10.13 -3.02 -3.53
C GLY A 147 8.67 -2.64 -3.38
N LEU A 148 8.25 -1.56 -4.02
CA LEU A 148 6.89 -1.03 -3.96
C LEU A 148 6.21 -1.08 -5.31
N VAL A 149 6.96 -0.90 -6.39
CA VAL A 149 6.39 -0.94 -7.73
C VAL A 149 7.33 -1.80 -8.56
N GLY A 150 6.81 -2.29 -9.67
CA GLY A 150 7.62 -3.10 -10.56
C GLY A 150 8.40 -2.25 -11.56
N ASP A 151 9.44 -2.88 -12.12
CA ASP A 151 10.27 -2.32 -13.18
C ASP A 151 10.38 -3.44 -14.21
N PRO A 152 9.98 -3.23 -15.47
CA PRO A 152 9.99 -4.33 -16.43
C PRO A 152 11.37 -4.89 -16.72
N THR A 153 12.44 -4.14 -16.43
N THR A 153 12.43 -4.15 -16.45
CA THR A 153 13.81 -4.56 -16.74
CA THR A 153 13.78 -4.65 -16.74
C THR A 153 14.62 -4.87 -15.48
C THR A 153 14.61 -4.80 -15.47
N GLN A 154 13.97 -5.07 -14.33
CA GLN A 154 14.69 -5.40 -13.09
C GLN A 154 13.91 -6.46 -12.30
N GLY A 155 13.62 -7.59 -12.97
CA GLY A 155 12.77 -8.61 -12.38
C GLY A 155 13.34 -9.19 -11.09
N ALA A 156 14.59 -9.65 -11.13
CA ALA A 156 15.19 -10.24 -9.94
C ALA A 156 15.35 -9.21 -8.82
N TYR A 157 15.74 -8.00 -9.18
CA TYR A 157 15.90 -6.93 -8.20
C TYR A 157 14.58 -6.62 -7.51
N ASN A 158 13.51 -6.49 -8.29
CA ASN A 158 12.16 -6.35 -7.74
C ASN A 158 11.85 -7.45 -6.72
N ALA A 159 12.09 -8.71 -7.12
CA ALA A 159 11.87 -9.82 -6.18
C ALA A 159 12.65 -9.60 -4.89
N SER A 160 13.91 -9.20 -5.00
CA SER A 160 14.72 -9.09 -3.80
C SER A 160 14.23 -7.98 -2.90
N LYS A 161 13.80 -6.85 -3.49
CA LYS A 161 13.41 -5.69 -2.69
C LYS A 161 12.01 -5.85 -2.11
N GLY A 162 11.13 -6.58 -2.81
CA GLY A 162 9.85 -6.96 -2.20
C GLY A 162 10.01 -7.91 -1.03
N ALA A 163 10.93 -8.88 -1.15
CA ALA A 163 11.22 -9.78 -0.05
C ALA A 163 11.74 -9.03 1.17
N VAL A 164 12.70 -8.12 0.95
CA VAL A 164 13.26 -7.35 2.06
C VAL A 164 12.17 -6.54 2.75
N ARG A 165 11.25 -5.98 1.96
CA ARG A 165 10.17 -5.16 2.49
C ARG A 165 9.33 -5.93 3.51
N ILE A 166 8.93 -7.16 3.16
CA ILE A 166 7.99 -7.86 4.04
C ILE A 166 8.71 -8.69 5.08
N MET A 167 9.87 -9.27 4.76
CA MET A 167 10.64 -9.96 5.80
C MET A 167 10.95 -9.03 6.96
N SER A 168 11.23 -7.75 6.66
CA SER A 168 11.57 -6.80 7.71
C SER A 168 10.41 -6.57 8.64
N LYS A 169 9.19 -6.61 8.12
CA LYS A 169 8.00 -6.48 8.97
C LYS A 169 7.89 -7.64 9.95
N SER A 170 8.14 -8.86 9.47
CA SER A 170 8.16 -10.03 10.35
C SER A 170 9.11 -9.81 11.52
N ALA A 171 10.34 -9.41 11.21
CA ALA A 171 11.35 -9.21 12.24
C ALA A 171 10.96 -8.06 13.18
N ALA A 172 10.41 -6.97 12.62
CA ALA A 172 9.94 -5.87 13.45
C ALA A 172 8.91 -6.35 14.46
N LEU A 173 7.94 -7.15 14.00
CA LEU A 173 6.87 -7.60 14.87
C LEU A 173 7.41 -8.49 15.98
N ASP A 174 8.24 -9.48 15.62
CA ASP A 174 8.77 -10.41 16.62
C ASP A 174 9.55 -9.66 17.68
N CYS A 175 10.44 -8.76 17.25
CA CYS A 175 11.22 -7.96 18.18
C CYS A 175 10.34 -7.12 19.09
N ALA A 176 9.27 -6.53 18.55
CA ALA A 176 8.38 -5.70 19.37
C ALA A 176 7.61 -6.55 20.37
N LEU A 177 7.07 -7.68 19.92
CA LEU A 177 6.23 -8.49 20.79
C LEU A 177 7.04 -9.09 21.92
N LYS A 178 8.33 -9.32 21.68
CA LYS A 178 9.18 -9.95 22.68
C LYS A 178 9.96 -8.95 23.51
N ASP A 179 9.73 -7.65 23.34
CA ASP A 179 10.38 -6.59 24.12
C ASP A 179 11.90 -6.66 23.98
N TYR A 180 12.37 -6.93 22.76
CA TYR A 180 13.80 -7.09 22.50
C TYR A 180 14.55 -5.77 22.51
N ASP A 181 13.85 -4.63 22.42
CA ASP A 181 14.49 -3.32 22.24
C ASP A 181 15.30 -3.31 20.95
N VAL A 182 14.70 -3.83 19.89
CA VAL A 182 15.26 -3.82 18.54
C VAL A 182 14.13 -3.40 17.62
N ARG A 183 14.36 -2.35 16.83
CA ARG A 183 13.40 -1.93 15.81
C ARG A 183 13.93 -2.36 14.45
N VAL A 184 13.01 -2.61 13.52
CA VAL A 184 13.39 -3.00 12.15
C VAL A 184 12.52 -2.20 11.20
N ASN A 185 13.14 -1.47 10.29
CA ASN A 185 12.41 -0.65 9.32
C ASN A 185 13.07 -0.78 7.95
N THR A 186 12.34 -0.40 6.91
CA THR A 186 12.93 -0.42 5.57
C THR A 186 12.96 0.98 5.00
N VAL A 187 14.01 1.27 4.24
CA VAL A 187 14.17 2.52 3.52
C VAL A 187 14.04 2.20 2.04
N HIS A 188 13.32 3.06 1.33
CA HIS A 188 12.97 2.86 -0.08
C HIS A 188 13.42 4.08 -0.85
N PRO A 189 14.69 4.15 -1.23
CA PRO A 189 15.13 5.27 -2.08
C PRO A 189 14.54 5.15 -3.47
N GLY A 190 14.21 6.31 -4.04
CA GLY A 190 14.06 6.45 -5.47
C GLY A 190 15.44 6.48 -6.09
N PRO A 191 15.55 6.96 -7.33
CA PRO A 191 16.88 7.03 -7.97
C PRO A 191 17.80 8.00 -7.24
N ILE A 192 19.03 7.53 -6.96
CA ILE A 192 20.06 8.28 -6.24
C ILE A 192 21.33 8.21 -7.04
N LYS A 193 22.02 9.36 -7.17
CA LYS A 193 23.27 9.41 -7.91
C LYS A 193 24.35 8.70 -7.11
N THR A 194 24.73 7.49 -7.55
CA THR A 194 25.73 6.64 -6.93
C THR A 194 26.54 5.99 -8.03
N PRO A 195 27.67 5.34 -7.72
CA PRO A 195 28.34 4.54 -8.75
C PRO A 195 27.42 3.53 -9.44
N LEU A 196 26.52 2.88 -8.70
CA LEU A 196 25.56 1.96 -9.33
C LEU A 196 24.83 2.64 -10.48
N VAL A 197 24.29 3.85 -10.24
CA VAL A 197 23.57 4.55 -11.29
C VAL A 197 24.52 5.14 -12.33
N ASP A 198 25.64 5.72 -11.88
CA ASP A 198 26.59 6.34 -12.82
C ASP A 198 27.12 5.34 -13.83
N ASP A 199 27.24 4.07 -13.45
CA ASP A 199 27.79 3.06 -14.33
C ASP A 199 26.74 2.43 -15.24
N ALA A 200 25.46 2.74 -15.03
CA ALA A 200 24.39 2.28 -15.90
C ALA A 200 24.12 3.36 -16.94
N GLU A 201 24.52 3.11 -18.18
CA GLU A 201 24.49 4.16 -19.19
C GLU A 201 23.06 4.63 -19.42
N GLY A 202 22.86 5.94 -19.32
CA GLY A 202 21.56 6.55 -19.55
C GLY A 202 20.59 6.46 -18.39
N ALA A 203 20.97 5.82 -17.27
CA ALA A 203 20.01 5.60 -16.18
C ALA A 203 19.57 6.91 -15.54
N GLU A 204 20.51 7.81 -15.25
CA GLU A 204 20.14 9.06 -14.61
C GLU A 204 19.20 9.86 -15.50
N GLU A 205 19.49 9.90 -16.81
CA GLU A 205 18.62 10.62 -17.75
C GLU A 205 17.23 10.03 -17.80
N PHE A 206 17.14 8.70 -17.84
CA PHE A 206 15.85 8.01 -17.88
C PHE A 206 15.04 8.31 -16.62
N PHE A 207 15.68 8.22 -15.45
CA PHE A 207 14.94 8.40 -14.21
C PHE A 207 14.71 9.86 -13.86
N SER A 208 15.39 10.79 -14.54
CA SER A 208 15.11 12.21 -14.36
C SER A 208 13.90 12.70 -15.17
N GLN A 209 13.39 11.88 -16.08
CA GLN A 209 12.16 12.22 -16.80
C GLN A 209 11.04 12.48 -15.79
N ARG A 210 10.23 13.50 -16.07
CA ARG A 210 9.14 13.83 -15.16
C ARG A 210 8.16 12.67 -15.00
N THR A 211 7.99 11.85 -16.04
CA THR A 211 7.09 10.69 -15.94
C THR A 211 7.64 9.62 -15.01
N LYS A 212 8.90 9.71 -14.62
CA LYS A 212 9.48 8.76 -13.68
C LYS A 212 9.63 9.42 -12.31
N THR A 213 10.52 10.40 -12.20
CA THR A 213 10.69 11.19 -10.98
C THR A 213 10.11 12.58 -11.16
N PRO A 214 8.98 12.89 -10.52
CA PRO A 214 8.32 14.18 -10.76
C PRO A 214 9.17 15.40 -10.43
N MET A 215 10.14 15.28 -9.53
CA MET A 215 11.04 16.40 -9.26
C MET A 215 11.98 16.71 -10.41
N GLY A 216 12.06 15.84 -11.41
CA GLY A 216 12.85 16.11 -12.59
C GLY A 216 14.35 15.91 -12.43
N HIS A 217 14.78 15.30 -11.34
CA HIS A 217 16.18 15.01 -11.10
C HIS A 217 16.23 13.84 -10.13
N ILE A 218 17.39 13.21 -10.04
CA ILE A 218 17.57 12.12 -9.09
C ILE A 218 18.18 12.68 -7.82
N GLY A 219 18.13 11.89 -6.74
CA GLY A 219 18.56 12.36 -5.46
C GLY A 219 20.06 12.18 -5.29
N GLU A 220 20.52 12.41 -4.08
CA GLU A 220 21.93 12.26 -3.74
C GLU A 220 22.07 11.41 -2.50
N PRO A 221 23.24 10.78 -2.30
CA PRO A 221 23.38 9.85 -1.17
C PRO A 221 23.02 10.45 0.18
N ASN A 222 23.29 11.74 0.42
CA ASN A 222 22.94 12.31 1.71
C ASN A 222 21.44 12.25 1.95
N ASP A 223 20.64 12.25 0.87
CA ASP A 223 19.19 12.14 1.04
C ASP A 223 18.83 10.86 1.79
N ILE A 224 19.54 9.77 1.52
CA ILE A 224 19.25 8.52 2.21
C ILE A 224 19.97 8.49 3.55
N ALA A 225 21.14 9.11 3.63
CA ALA A 225 21.86 9.17 4.91
C ALA A 225 20.99 9.78 6.01
N TRP A 226 20.29 10.88 5.70
CA TRP A 226 19.59 11.59 6.76
C TRP A 226 18.37 10.82 7.27
N ILE A 227 17.67 10.07 6.40
CA ILE A 227 16.56 9.28 6.96
C ILE A 227 17.10 8.09 7.74
N CYS A 228 18.29 7.59 7.37
CA CYS A 228 18.91 6.54 8.17
C CYS A 228 19.36 7.05 9.53
N VAL A 229 19.80 8.31 9.61
CA VAL A 229 20.16 8.88 10.93
C VAL A 229 18.94 8.92 11.83
N TYR A 230 17.82 9.44 11.30
CA TYR A 230 16.55 9.40 12.03
C TYR A 230 16.22 7.99 12.51
N LEU A 231 16.31 6.99 11.63
CA LEU A 231 15.91 5.63 12.01
C LEU A 231 16.86 5.00 13.02
N ALA A 232 18.15 5.35 12.98
CA ALA A 232 19.08 4.78 13.96
C ALA A 232 19.03 5.50 15.29
N SER A 233 18.56 6.74 15.32
N SER A 233 18.55 6.74 15.32
CA SER A 233 18.51 7.52 16.54
CA SER A 233 18.50 7.54 16.53
C SER A 233 17.33 7.11 17.42
C SER A 233 17.31 7.14 17.41
N ASP A 234 17.46 7.38 18.71
CA ASP A 234 16.35 7.12 19.64
C ASP A 234 15.17 8.06 19.38
N GLU A 235 15.35 9.07 18.54
CA GLU A 235 14.23 9.90 18.09
C GLU A 235 13.11 9.07 17.48
N SER A 236 13.44 7.90 16.91
CA SER A 236 12.47 7.10 16.17
C SER A 236 12.05 5.87 16.97
N LYS A 237 12.10 5.97 18.30
CA LYS A 237 11.84 4.85 19.19
C LYS A 237 10.44 4.25 19.07
N PHE A 238 9.49 4.93 18.42
CA PHE A 238 8.15 4.38 18.19
C PHE A 238 7.96 3.92 16.75
N ALA A 239 9.00 3.96 15.92
CA ALA A 239 8.90 3.57 14.51
C ALA A 239 9.46 2.17 14.35
N THR A 240 8.60 1.21 13.98
CA THR A 240 9.08 -0.11 13.64
C THR A 240 8.11 -0.74 12.63
N GLY A 241 8.65 -1.59 11.76
CA GLY A 241 7.86 -2.28 10.75
C GLY A 241 7.41 -1.42 9.60
N ALA A 242 7.95 -0.22 9.45
CA ALA A 242 7.46 0.76 8.51
C ALA A 242 8.43 1.02 7.37
N GLU A 243 7.88 1.67 6.34
CA GLU A 243 8.53 1.91 5.05
C GLU A 243 8.77 3.41 4.91
N PHE A 244 10.04 3.80 4.77
CA PHE A 244 10.42 5.21 4.67
C PHE A 244 10.88 5.47 3.25
N VAL A 245 10.08 6.23 2.51
CA VAL A 245 10.21 6.40 1.06
C VAL A 245 10.78 7.79 0.78
N VAL A 246 11.94 7.83 0.11
CA VAL A 246 12.63 9.08 -0.20
C VAL A 246 12.91 9.01 -1.69
N ASP A 247 11.97 9.50 -2.52
CA ASP A 247 12.00 9.13 -3.93
C ASP A 247 11.60 10.24 -4.91
N GLY A 248 11.60 11.50 -4.47
CA GLY A 248 11.29 12.58 -5.40
C GLY A 248 9.90 12.54 -5.98
N GLY A 249 8.98 11.80 -5.35
CA GLY A 249 7.61 11.67 -5.82
C GLY A 249 7.37 10.46 -6.69
N TYR A 250 8.40 9.64 -6.96
CA TYR A 250 8.28 8.55 -7.93
C TYR A 250 7.04 7.68 -7.71
N THR A 251 6.80 7.23 -6.48
CA THR A 251 5.71 6.30 -6.22
C THR A 251 4.41 6.99 -5.88
N ALA A 252 4.41 8.31 -5.76
CA ALA A 252 3.17 9.04 -5.48
C ALA A 252 2.28 9.18 -6.69
N GLN A 253 2.81 8.94 -7.89
CA GLN A 253 1.99 8.94 -9.10
C GLN A 253 1.86 7.53 -9.67
N THR B 3 -25.74 -21.33 -14.94
CA THR B 3 -26.56 -20.79 -13.85
C THR B 3 -26.20 -19.33 -13.58
N ASP B 4 -27.17 -18.56 -13.07
CA ASP B 4 -27.00 -17.13 -12.87
C ASP B 4 -26.17 -16.86 -11.61
N ARG B 5 -25.07 -16.13 -11.76
CA ARG B 5 -24.15 -15.89 -10.65
C ARG B 5 -24.71 -14.93 -9.61
N LEU B 6 -25.74 -14.16 -9.96
CA LEU B 6 -26.37 -13.21 -9.04
C LEU B 6 -27.82 -13.55 -8.82
N LYS B 7 -28.13 -14.84 -8.72
CA LYS B 7 -29.50 -15.30 -8.58
C LYS B 7 -30.10 -14.75 -7.29
N GLY B 8 -31.27 -14.12 -7.41
CA GLY B 8 -31.96 -13.61 -6.25
C GLY B 8 -31.44 -12.30 -5.70
N LYS B 9 -30.37 -11.75 -6.26
CA LYS B 9 -29.83 -10.48 -5.78
C LYS B 9 -30.66 -9.32 -6.29
N VAL B 10 -30.78 -8.29 -5.46
CA VAL B 10 -31.47 -7.04 -5.80
C VAL B 10 -30.50 -5.91 -5.58
N ALA B 11 -30.16 -5.19 -6.67
CA ALA B 11 -29.06 -4.24 -6.65
C ALA B 11 -29.55 -2.83 -6.96
N ILE B 12 -29.02 -1.87 -6.20
CA ILE B 12 -29.06 -0.46 -6.54
C ILE B 12 -27.72 -0.08 -7.14
N VAL B 13 -27.71 0.52 -8.32
CA VAL B 13 -26.48 1.00 -8.96
C VAL B 13 -26.65 2.50 -9.17
N THR B 14 -25.94 3.31 -8.39
CA THR B 14 -26.04 4.75 -8.58
C THR B 14 -25.22 5.17 -9.78
N GLY B 15 -25.70 6.20 -10.46
CA GLY B 15 -25.10 6.60 -11.73
C GLY B 15 -25.04 5.43 -12.68
N GLY B 16 -26.17 4.74 -12.83
CA GLY B 16 -26.20 3.55 -13.64
C GLY B 16 -26.73 3.76 -15.04
N THR B 17 -26.77 5.01 -15.53
CA THR B 17 -27.38 5.31 -16.81
C THR B 17 -26.36 5.54 -17.92
N LEU B 18 -25.07 5.68 -17.57
CA LEU B 18 -24.01 5.88 -18.56
C LEU B 18 -22.76 5.17 -18.07
N GLY B 19 -21.88 4.87 -19.01
CA GLY B 19 -20.50 4.51 -18.67
C GLY B 19 -20.40 3.25 -17.86
N ILE B 20 -19.52 3.30 -16.85
CA ILE B 20 -19.27 2.13 -16.01
C ILE B 20 -20.56 1.64 -15.35
N GLY B 21 -21.34 2.56 -14.79
CA GLY B 21 -22.53 2.15 -14.05
C GLY B 21 -23.55 1.46 -14.95
N LEU B 22 -23.67 1.91 -16.20
CA LEU B 22 -24.55 1.26 -17.17
C LEU B 22 -24.11 -0.18 -17.42
N ALA B 23 -22.79 -0.41 -17.53
CA ALA B 23 -22.30 -1.75 -17.82
C ALA B 23 -22.46 -2.66 -16.60
N ILE B 24 -22.28 -2.10 -15.40
CA ILE B 24 -22.53 -2.86 -14.18
C ILE B 24 -23.98 -3.32 -14.16
N ALA B 25 -24.91 -2.39 -14.45
CA ALA B 25 -26.32 -2.74 -14.51
C ALA B 25 -26.57 -3.83 -15.54
N ASP B 26 -26.06 -3.63 -16.75
CA ASP B 26 -26.22 -4.59 -17.83
C ASP B 26 -25.78 -6.00 -17.42
N LYS B 27 -24.58 -6.14 -16.86
CA LYS B 27 -24.12 -7.48 -16.51
C LYS B 27 -24.77 -8.02 -15.26
N PHE B 28 -25.20 -7.16 -14.33
CA PHE B 28 -25.97 -7.62 -13.19
C PHE B 28 -27.26 -8.29 -13.65
N VAL B 29 -27.97 -7.64 -14.59
CA VAL B 29 -29.19 -8.23 -15.14
C VAL B 29 -28.87 -9.51 -15.88
N GLU B 30 -27.78 -9.50 -16.65
CA GLU B 30 -27.36 -10.70 -17.37
C GLU B 30 -27.14 -11.89 -16.44
N GLU B 31 -26.72 -11.63 -15.20
CA GLU B 31 -26.41 -12.68 -14.23
C GLU B 31 -27.55 -12.94 -13.25
N GLY B 32 -28.75 -12.44 -13.54
CA GLY B 32 -29.92 -12.81 -12.77
C GLY B 32 -30.36 -11.83 -11.70
N ALA B 33 -29.69 -10.70 -11.56
CA ALA B 33 -30.09 -9.75 -10.54
C ALA B 33 -31.24 -8.86 -11.03
N LYS B 34 -32.06 -8.41 -10.09
CA LYS B 34 -32.94 -7.28 -10.32
C LYS B 34 -32.19 -6.01 -9.95
N VAL B 35 -32.35 -4.96 -10.75
CA VAL B 35 -31.49 -3.79 -10.69
C VAL B 35 -32.32 -2.51 -10.76
N VAL B 36 -32.04 -1.56 -9.87
CA VAL B 36 -32.52 -0.19 -9.99
C VAL B 36 -31.30 0.68 -10.29
N ILE B 37 -31.36 1.41 -11.38
CA ILE B 37 -30.31 2.37 -11.73
C ILE B 37 -30.81 3.77 -11.45
N THR B 38 -29.88 4.64 -11.03
CA THR B 38 -30.19 6.03 -10.75
C THR B 38 -29.34 6.97 -11.60
N GLY B 39 -29.79 8.21 -11.63
CA GLY B 39 -29.09 9.28 -12.32
C GLY B 39 -29.95 10.51 -12.18
N ARG B 40 -29.36 11.65 -12.55
CA ARG B 40 -30.09 12.92 -12.39
C ARG B 40 -31.04 13.19 -13.55
N HIS B 41 -30.74 12.72 -14.74
CA HIS B 41 -31.51 13.07 -15.94
C HIS B 41 -32.46 11.94 -16.31
N ALA B 42 -33.75 12.23 -16.33
CA ALA B 42 -34.76 11.17 -16.44
C ALA B 42 -34.82 10.60 -17.86
N ASP B 43 -34.64 11.44 -18.88
CA ASP B 43 -34.71 10.93 -20.25
C ASP B 43 -33.58 9.94 -20.52
N VAL B 44 -32.35 10.33 -20.21
CA VAL B 44 -31.22 9.42 -20.32
C VAL B 44 -31.47 8.17 -19.48
N GLY B 45 -32.09 8.34 -18.31
CA GLY B 45 -32.30 7.22 -17.42
C GLY B 45 -33.31 6.21 -17.94
N GLU B 46 -34.44 6.70 -18.47
CA GLU B 46 -35.42 5.76 -18.98
C GLU B 46 -34.93 5.04 -20.23
N LYS B 47 -34.20 5.74 -21.10
CA LYS B 47 -33.62 5.08 -22.26
C LYS B 47 -32.56 4.07 -21.83
N ALA B 48 -31.81 4.37 -20.76
CA ALA B 48 -30.79 3.42 -20.29
C ALA B 48 -31.43 2.14 -19.81
N ALA B 49 -32.44 2.23 -18.95
CA ALA B 49 -33.06 1.04 -18.40
C ALA B 49 -33.68 0.17 -19.48
N LYS B 50 -34.43 0.79 -20.40
CA LYS B 50 -35.06 0.01 -21.46
C LYS B 50 -34.05 -0.59 -22.41
N SER B 51 -32.86 0.01 -22.52
CA SER B 51 -31.82 -0.59 -23.36
C SER B 51 -31.32 -1.91 -22.79
N ILE B 52 -31.52 -2.15 -21.50
CA ILE B 52 -31.02 -3.36 -20.85
C ILE B 52 -32.10 -4.42 -20.72
N GLY B 53 -33.31 -4.01 -20.35
CA GLY B 53 -34.38 -4.98 -20.20
C GLY B 53 -35.68 -4.26 -19.87
N GLY B 54 -36.67 -5.07 -19.47
CA GLY B 54 -37.96 -4.56 -19.06
C GLY B 54 -38.03 -4.36 -17.56
N THR B 55 -39.15 -3.78 -17.12
CA THR B 55 -39.33 -3.45 -15.71
C THR B 55 -39.39 -4.68 -14.82
N ASP B 56 -39.42 -5.88 -15.40
CA ASP B 56 -39.32 -7.10 -14.59
C ASP B 56 -37.90 -7.32 -14.07
N VAL B 57 -36.89 -6.71 -14.68
CA VAL B 57 -35.50 -6.93 -14.26
C VAL B 57 -34.78 -5.62 -13.93
N ILE B 58 -35.17 -4.52 -14.56
CA ILE B 58 -34.43 -3.27 -14.39
C ILE B 58 -35.39 -2.09 -14.45
N ARG B 59 -35.16 -1.12 -13.56
CA ARG B 59 -35.95 0.10 -13.51
C ARG B 59 -35.03 1.28 -13.20
N PHE B 60 -35.42 2.46 -13.69
CA PHE B 60 -34.73 3.70 -13.43
C PHE B 60 -35.47 4.51 -12.36
N VAL B 61 -34.70 5.09 -11.44
CA VAL B 61 -35.20 6.02 -10.44
C VAL B 61 -34.34 7.26 -10.47
N GLN B 62 -34.97 8.42 -10.68
CA GLN B 62 -34.27 9.69 -10.65
C GLN B 62 -33.87 10.02 -9.21
N HIS B 63 -32.57 10.13 -8.97
CA HIS B 63 -32.06 10.42 -7.64
C HIS B 63 -30.64 10.94 -7.78
N ASP B 64 -30.38 12.10 -7.20
CA ASP B 64 -29.03 12.60 -7.01
C ASP B 64 -28.42 11.92 -5.80
N ALA B 65 -27.25 11.30 -5.97
CA ALA B 65 -26.66 10.54 -4.86
C ALA B 65 -26.34 11.43 -3.67
N SER B 66 -26.21 12.74 -3.87
CA SER B 66 -25.98 13.64 -2.75
C SER B 66 -27.27 14.02 -2.03
N ASP B 67 -28.43 13.51 -2.49
CA ASP B 67 -29.74 13.81 -1.89
C ASP B 67 -29.99 12.81 -0.78
N GLU B 68 -29.67 13.21 0.45
CA GLU B 68 -29.70 12.29 1.58
C GLU B 68 -31.09 11.71 1.79
N ALA B 69 -32.12 12.56 1.83
CA ALA B 69 -33.46 12.06 2.09
C ALA B 69 -33.94 11.14 0.99
N GLY B 70 -33.57 11.42 -0.26
CA GLY B 70 -33.95 10.58 -1.37
C GLY B 70 -33.45 9.16 -1.28
N TRP B 71 -32.39 8.92 -0.50
CA TRP B 71 -31.84 7.57 -0.39
C TRP B 71 -32.85 6.60 0.22
N THR B 72 -33.59 7.04 1.25
CA THR B 72 -34.55 6.13 1.86
C THR B 72 -35.69 5.84 0.89
N LYS B 73 -36.13 6.85 0.14
CA LYS B 73 -37.15 6.61 -0.88
C LYS B 73 -36.65 5.64 -1.95
N LEU B 74 -35.35 5.75 -2.30
CA LEU B 74 -34.79 4.87 -3.32
C LEU B 74 -34.80 3.41 -2.87
N PHE B 75 -34.42 3.16 -1.62
CA PHE B 75 -34.49 1.80 -1.09
C PHE B 75 -35.93 1.31 -1.04
N ASP B 76 -36.84 2.15 -0.52
CA ASP B 76 -38.25 1.78 -0.44
C ASP B 76 -38.80 1.41 -1.80
N THR B 77 -38.52 2.25 -2.81
CA THR B 77 -38.99 1.98 -4.16
C THR B 77 -38.40 0.68 -4.71
N THR B 78 -37.11 0.46 -4.51
CA THR B 78 -36.47 -0.74 -5.00
C THR B 78 -37.07 -1.98 -4.33
N GLU B 79 -37.31 -1.89 -3.01
CA GLU B 79 -37.84 -3.03 -2.26
C GLU B 79 -39.27 -3.35 -2.66
N GLU B 80 -40.06 -2.33 -3.00
CA GLU B 80 -41.44 -2.59 -3.42
C GLU B 80 -41.48 -3.28 -4.78
N ALA B 81 -40.59 -2.89 -5.70
CA ALA B 81 -40.57 -3.49 -7.02
C ALA B 81 -39.99 -4.91 -6.99
N PHE B 82 -38.93 -5.13 -6.20
CA PHE B 82 -38.12 -6.33 -6.33
C PHE B 82 -37.88 -7.11 -5.04
N GLY B 83 -38.26 -6.58 -3.89
CA GLY B 83 -37.97 -7.22 -2.64
C GLY B 83 -36.73 -6.63 -2.01
N PRO B 84 -36.33 -7.16 -0.85
CA PRO B 84 -35.20 -6.57 -0.09
C PRO B 84 -33.94 -6.38 -0.93
N VAL B 85 -33.36 -5.17 -0.82
CA VAL B 85 -32.08 -4.89 -1.45
C VAL B 85 -31.00 -5.76 -0.84
N THR B 86 -30.17 -6.34 -1.71
CA THR B 86 -29.02 -7.15 -1.31
C THR B 86 -27.68 -6.52 -1.68
N THR B 87 -27.68 -5.55 -2.60
CA THR B 87 -26.44 -5.14 -3.25
C THR B 87 -26.51 -3.64 -3.55
N VAL B 88 -25.51 -2.89 -3.12
CA VAL B 88 -25.45 -1.45 -3.36
C VAL B 88 -24.13 -1.14 -4.05
N VAL B 89 -24.19 -0.53 -5.22
CA VAL B 89 -23.00 -0.12 -5.96
C VAL B 89 -23.00 1.40 -5.96
N ASN B 90 -22.16 1.99 -5.11
CA ASN B 90 -22.01 3.45 -5.03
C ASN B 90 -21.04 3.90 -6.12
N ASN B 91 -21.60 4.09 -7.31
CA ASN B 91 -20.83 4.39 -8.50
C ASN B 91 -20.94 5.84 -8.96
N ALA B 92 -22.04 6.54 -8.63
CA ALA B 92 -22.19 7.93 -9.05
C ALA B 92 -20.98 8.76 -8.62
N GLY B 93 -20.42 9.52 -9.55
CA GLY B 93 -19.25 10.33 -9.27
C GLY B 93 -18.95 11.35 -10.35
N ILE B 94 -18.32 12.46 -9.98
CA ILE B 94 -17.97 13.50 -10.93
C ILE B 94 -16.50 13.87 -10.76
N ALA B 95 -15.99 14.61 -11.75
CA ALA B 95 -14.60 15.00 -11.79
C ALA B 95 -14.47 16.51 -11.90
N VAL B 96 -13.27 17.00 -11.57
CA VAL B 96 -12.93 18.42 -11.63
C VAL B 96 -11.46 18.50 -12.03
N SER B 97 -11.16 19.12 -13.17
CA SER B 97 -9.78 19.16 -13.65
C SER B 97 -9.06 20.37 -13.06
N LYS B 98 -8.64 20.23 -11.81
CA LYS B 98 -7.97 21.31 -11.10
C LYS B 98 -6.95 20.73 -10.13
N SER B 99 -5.78 21.37 -10.07
CA SER B 99 -4.85 21.09 -8.98
C SER B 99 -5.47 21.51 -7.65
N VAL B 100 -4.92 20.96 -6.57
CA VAL B 100 -5.28 21.45 -5.24
C VAL B 100 -5.16 22.97 -5.20
N GLU B 101 -4.06 23.49 -5.74
CA GLU B 101 -3.79 24.93 -5.70
C GLU B 101 -4.89 25.73 -6.36
N ASP B 102 -5.42 25.22 -7.48
CA ASP B 102 -6.37 25.94 -8.31
C ASP B 102 -7.83 25.57 -8.05
N THR B 103 -8.10 24.77 -7.02
CA THR B 103 -9.47 24.30 -6.76
C THR B 103 -10.24 25.37 -6.01
N THR B 104 -11.37 25.80 -6.57
CA THR B 104 -12.20 26.69 -5.81
C THR B 104 -12.95 25.92 -4.73
N THR B 105 -13.34 26.63 -3.68
CA THR B 105 -14.05 25.96 -2.60
C THR B 105 -15.40 25.41 -3.06
N GLU B 106 -16.07 26.08 -4.00
CA GLU B 106 -17.32 25.54 -4.50
C GLU B 106 -17.12 24.27 -5.31
N GLU B 107 -16.04 24.20 -6.11
CA GLU B 107 -15.69 22.97 -6.81
C GLU B 107 -15.41 21.85 -5.82
N TRP B 108 -14.64 22.17 -4.77
CA TRP B 108 -14.30 21.21 -3.72
C TRP B 108 -15.57 20.65 -3.09
N ARG B 109 -16.46 21.55 -2.64
CA ARG B 109 -17.65 21.11 -1.93
C ARG B 109 -18.59 20.33 -2.85
N LYS B 110 -18.72 20.78 -4.10
CA LYS B 110 -19.62 20.10 -5.03
C LYS B 110 -19.15 18.68 -5.32
N LEU B 111 -17.86 18.52 -5.61
CA LEU B 111 -17.38 17.18 -5.93
C LEU B 111 -17.48 16.26 -4.71
N LEU B 112 -17.13 16.75 -3.53
CA LEU B 112 -17.18 15.88 -2.36
C LEU B 112 -18.61 15.54 -1.96
N SER B 113 -19.57 16.42 -2.24
N SER B 113 -19.57 16.42 -2.25
CA SER B 113 -20.96 16.10 -1.90
CA SER B 113 -20.96 16.10 -1.91
C SER B 113 -21.43 14.87 -2.67
C SER B 113 -21.44 14.88 -2.67
N VAL B 114 -20.98 14.71 -3.91
CA VAL B 114 -21.37 13.55 -4.71
C VAL B 114 -20.46 12.37 -4.41
N ASN B 115 -19.15 12.59 -4.54
CA ASN B 115 -18.21 11.48 -4.54
C ASN B 115 -17.96 10.90 -3.16
N LEU B 116 -18.07 11.72 -2.11
CA LEU B 116 -17.85 11.28 -0.76
C LEU B 116 -19.16 11.20 0.02
N ASP B 117 -19.90 12.30 0.14
CA ASP B 117 -21.12 12.25 0.94
C ASP B 117 -22.11 11.25 0.37
N GLY B 118 -22.27 11.24 -0.97
CA GLY B 118 -23.16 10.28 -1.60
C GLY B 118 -22.80 8.84 -1.31
N VAL B 119 -21.51 8.51 -1.33
CA VAL B 119 -21.09 7.15 -1.02
C VAL B 119 -21.33 6.84 0.44
N PHE B 120 -21.10 7.82 1.32
CA PHE B 120 -21.41 7.65 2.72
C PHE B 120 -22.91 7.38 2.92
N PHE B 121 -23.76 8.16 2.24
CA PHE B 121 -25.21 7.99 2.43
C PHE B 121 -25.65 6.59 2.02
N GLY B 122 -25.14 6.09 0.89
CA GLY B 122 -25.55 4.76 0.43
C GLY B 122 -24.97 3.64 1.26
N THR B 123 -23.72 3.81 1.73
CA THR B 123 -23.13 2.79 2.58
C THR B 123 -23.81 2.71 3.94
N ARG B 124 -24.01 3.86 4.58
CA ARG B 124 -24.67 3.90 5.88
C ARG B 124 -26.07 3.30 5.79
N LEU B 125 -26.87 3.74 4.82
CA LEU B 125 -28.22 3.21 4.69
C LEU B 125 -28.20 1.75 4.25
N GLY B 126 -27.27 1.40 3.38
CA GLY B 126 -27.16 0.01 2.97
C GLY B 126 -26.90 -0.92 4.13
N ILE B 127 -26.03 -0.51 5.06
CA ILE B 127 -25.78 -1.33 6.23
C ILE B 127 -27.06 -1.48 7.05
N GLN B 128 -27.71 -0.37 7.34
CA GLN B 128 -28.93 -0.41 8.15
C GLN B 128 -30.00 -1.29 7.53
N ARG B 129 -30.19 -1.21 6.22
CA ARG B 129 -31.31 -1.89 5.57
C ARG B 129 -31.00 -3.35 5.21
N MET B 130 -29.73 -3.74 5.19
CA MET B 130 -29.37 -5.07 4.71
C MET B 130 -28.79 -5.99 5.76
N LYS B 131 -28.38 -5.46 6.92
CA LYS B 131 -27.77 -6.27 7.96
C LYS B 131 -28.77 -7.29 8.52
N ASN B 132 -28.22 -8.45 8.91
CA ASN B 132 -28.91 -9.42 9.74
C ASN B 132 -30.12 -10.05 9.04
N LYS B 133 -30.10 -10.08 7.71
CA LYS B 133 -31.19 -10.66 6.95
C LYS B 133 -30.77 -11.87 6.12
N GLY B 134 -29.53 -12.32 6.25
CA GLY B 134 -29.07 -13.47 5.48
C GLY B 134 -29.18 -13.30 3.99
N LEU B 135 -28.94 -12.08 3.49
CA LEU B 135 -29.06 -11.82 2.06
C LEU B 135 -27.74 -11.99 1.30
N GLY B 136 -26.64 -12.27 1.99
CA GLY B 136 -25.35 -12.21 1.33
C GLY B 136 -25.13 -10.83 0.74
N ALA B 137 -25.32 -9.81 1.58
CA ALA B 137 -25.31 -8.44 1.12
C ALA B 137 -23.89 -7.97 0.78
N SER B 138 -23.80 -7.09 -0.20
CA SER B 138 -22.50 -6.63 -0.70
C SER B 138 -22.61 -5.16 -1.08
N ILE B 139 -21.76 -4.33 -0.49
CA ILE B 139 -21.67 -2.92 -0.85
C ILE B 139 -20.36 -2.73 -1.61
N ILE B 140 -20.47 -2.23 -2.84
CA ILE B 140 -19.35 -2.07 -3.74
C ILE B 140 -19.18 -0.57 -3.96
N ASN B 141 -18.13 -0.01 -3.38
CA ASN B 141 -17.89 1.41 -3.49
C ASN B 141 -16.87 1.70 -4.57
N MET B 142 -17.23 2.59 -5.49
CA MET B 142 -16.38 2.89 -6.63
C MET B 142 -15.35 3.93 -6.21
N SER B 143 -14.11 3.50 -6.05
CA SER B 143 -13.00 4.43 -5.89
C SER B 143 -12.33 4.60 -7.26
N SER B 144 -11.03 4.55 -7.36
CA SER B 144 -10.33 4.85 -8.59
C SER B 144 -8.89 4.50 -8.30
N ILE B 145 -8.10 4.36 -9.36
CA ILE B 145 -6.66 4.43 -9.15
C ILE B 145 -6.30 5.74 -8.47
N GLU B 146 -7.12 6.78 -8.63
CA GLU B 146 -6.90 8.07 -7.98
C GLU B 146 -7.24 8.04 -6.50
N GLY B 147 -7.64 6.89 -5.96
CA GLY B 147 -7.66 6.67 -4.53
C GLY B 147 -6.41 5.99 -4.01
N LEU B 148 -5.49 5.63 -4.92
CA LEU B 148 -4.23 4.95 -4.61
C LEU B 148 -3.02 5.79 -4.90
N VAL B 149 -3.06 6.57 -5.98
CA VAL B 149 -1.98 7.45 -6.37
C VAL B 149 -2.56 8.83 -6.59
N GLY B 150 -1.69 9.85 -6.51
CA GLY B 150 -2.14 11.19 -6.82
C GLY B 150 -2.09 11.51 -8.30
N ASP B 151 -2.82 12.56 -8.65
CA ASP B 151 -2.83 13.16 -9.98
C ASP B 151 -2.72 14.66 -9.76
N PRO B 152 -1.73 15.34 -10.34
CA PRO B 152 -1.55 16.77 -10.03
C PRO B 152 -2.72 17.65 -10.41
N THR B 153 -3.61 17.19 -11.31
CA THR B 153 -4.70 18.02 -11.79
C THR B 153 -6.06 17.47 -11.37
N GLN B 154 -6.13 16.64 -10.34
N GLN B 154 -6.10 16.68 -10.30
CA GLN B 154 -7.43 16.18 -9.82
CA GLN B 154 -7.32 16.05 -9.81
C GLN B 154 -7.37 16.08 -8.29
C GLN B 154 -7.35 16.05 -8.28
N GLY B 155 -7.02 17.20 -7.66
CA GLY B 155 -6.86 17.23 -6.22
C GLY B 155 -8.12 16.87 -5.43
N ALA B 156 -9.24 17.51 -5.74
CA ALA B 156 -10.47 17.21 -5.01
C ALA B 156 -10.92 15.77 -5.27
N TYR B 157 -10.77 15.31 -6.51
CA TYR B 157 -11.12 13.94 -6.87
C TYR B 157 -10.29 12.94 -6.07
N ASN B 158 -8.96 13.16 -6.04
CA ASN B 158 -8.07 12.36 -5.20
C ASN B 158 -8.54 12.30 -3.75
N ALA B 159 -8.86 13.46 -3.17
CA ALA B 159 -9.37 13.46 -1.79
C ALA B 159 -10.60 12.57 -1.68
N SER B 160 -11.53 12.70 -2.62
CA SER B 160 -12.78 11.96 -2.49
C SER B 160 -12.54 10.46 -2.60
N LYS B 161 -11.64 10.04 -3.49
CA LYS B 161 -11.47 8.62 -3.72
C LYS B 161 -10.60 7.95 -2.65
N GLY B 162 -9.67 8.71 -2.06
CA GLY B 162 -8.96 8.20 -0.89
C GLY B 162 -9.88 8.07 0.31
N ALA B 163 -10.82 9.02 0.46
CA ALA B 163 -11.81 8.92 1.53
C ALA B 163 -12.67 7.67 1.36
N VAL B 164 -13.16 7.44 0.15
CA VAL B 164 -13.98 6.25 -0.10
C VAL B 164 -13.18 4.98 0.19
N ARG B 165 -11.90 4.97 -0.19
CA ARG B 165 -11.06 3.79 0.02
C ARG B 165 -11.03 3.37 1.49
N ILE B 166 -10.78 4.33 2.39
CA ILE B 166 -10.58 3.95 3.80
C ILE B 166 -11.90 3.89 4.57
N MET B 167 -12.85 4.77 4.25
CA MET B 167 -14.16 4.68 4.90
C MET B 167 -14.79 3.31 4.67
N SER B 168 -14.58 2.75 3.48
CA SER B 168 -15.14 1.45 3.15
C SER B 168 -14.52 0.35 4.00
N LYS B 169 -13.23 0.49 4.36
CA LYS B 169 -12.63 -0.49 5.27
C LYS B 169 -13.27 -0.43 6.65
N SER B 170 -13.59 0.78 7.15
CA SER B 170 -14.28 0.91 8.43
C SER B 170 -15.60 0.15 8.40
N ALA B 171 -16.40 0.39 7.38
CA ALA B 171 -17.69 -0.27 7.25
C ALA B 171 -17.53 -1.78 7.12
N ALA B 172 -16.57 -2.23 6.31
CA ALA B 172 -16.32 -3.66 6.16
C ALA B 172 -16.03 -4.32 7.49
N LEU B 173 -15.19 -3.68 8.31
CA LEU B 173 -14.79 -4.26 9.58
C LEU B 173 -15.97 -4.32 10.53
N ASP B 174 -16.72 -3.23 10.64
CA ASP B 174 -17.86 -3.21 11.55
C ASP B 174 -18.88 -4.28 11.16
N CYS B 175 -19.17 -4.40 9.87
CA CYS B 175 -20.11 -5.43 9.42
C CYS B 175 -19.61 -6.83 9.71
N ALA B 176 -18.30 -7.05 9.53
CA ALA B 176 -17.76 -8.38 9.78
C ALA B 176 -17.78 -8.71 11.27
N LEU B 177 -17.34 -7.78 12.11
CA LEU B 177 -17.23 -8.05 13.54
C LEU B 177 -18.60 -8.22 14.19
N LYS B 178 -19.63 -7.61 13.60
CA LYS B 178 -20.98 -7.72 14.14
C LYS B 178 -21.79 -8.83 13.49
N ASP B 179 -21.17 -9.62 12.61
CA ASP B 179 -21.86 -10.71 11.90
C ASP B 179 -23.11 -10.21 11.18
N TYR B 180 -23.00 -9.05 10.54
CA TYR B 180 -24.12 -8.43 9.85
C TYR B 180 -24.48 -9.12 8.54
N ASP B 181 -23.62 -10.00 8.03
CA ASP B 181 -23.79 -10.58 6.70
C ASP B 181 -23.84 -9.48 5.62
N VAL B 182 -22.94 -8.51 5.76
CA VAL B 182 -22.76 -7.45 4.77
C VAL B 182 -21.27 -7.32 4.55
N ARG B 183 -20.86 -7.37 3.29
CA ARG B 183 -19.47 -7.16 2.91
C ARG B 183 -19.34 -5.81 2.23
N VAL B 184 -18.17 -5.18 2.35
CA VAL B 184 -17.92 -3.88 1.76
C VAL B 184 -16.53 -3.91 1.11
N ASN B 185 -16.46 -3.58 -0.18
CA ASN B 185 -15.19 -3.60 -0.89
C ASN B 185 -15.13 -2.39 -1.81
N THR B 186 -13.92 -2.02 -2.23
CA THR B 186 -13.75 -0.94 -3.19
C THR B 186 -13.18 -1.45 -4.51
N VAL B 187 -13.66 -0.84 -5.60
CA VAL B 187 -13.15 -1.08 -6.94
C VAL B 187 -12.39 0.16 -7.38
N HIS B 188 -11.25 -0.06 -8.03
CA HIS B 188 -10.33 1.01 -8.41
C HIS B 188 -10.05 0.88 -9.90
N PRO B 189 -10.93 1.39 -10.75
CA PRO B 189 -10.64 1.38 -12.18
C PRO B 189 -9.48 2.30 -12.52
N GLY B 190 -8.68 1.86 -13.49
CA GLY B 190 -7.83 2.78 -14.22
C GLY B 190 -8.68 3.56 -15.23
N PRO B 191 -8.04 4.16 -16.22
CA PRO B 191 -8.80 4.91 -17.22
C PRO B 191 -9.68 3.98 -18.04
N ILE B 192 -10.95 4.37 -18.18
CA ILE B 192 -11.98 3.58 -18.85
C ILE B 192 -12.66 4.49 -19.86
N LYS B 193 -12.87 3.98 -21.07
CA LYS B 193 -13.56 4.76 -22.10
C LYS B 193 -15.03 4.91 -21.71
N THR B 194 -15.40 6.12 -21.24
CA THR B 194 -16.75 6.48 -20.81
C THR B 194 -17.06 7.92 -21.25
N PRO B 195 -18.32 8.38 -21.17
CA PRO B 195 -18.58 9.79 -21.49
C PRO B 195 -17.72 10.77 -20.69
N LEU B 196 -17.40 10.45 -19.42
CA LEU B 196 -16.51 11.33 -18.66
C LEU B 196 -15.18 11.53 -19.40
N VAL B 197 -14.59 10.43 -19.88
CA VAL B 197 -13.31 10.52 -20.56
C VAL B 197 -13.48 11.07 -21.98
N ASP B 198 -14.56 10.68 -22.68
CA ASP B 198 -14.77 11.13 -24.05
C ASP B 198 -14.92 12.64 -24.12
N ASP B 199 -15.60 13.25 -23.15
CA ASP B 199 -15.84 14.68 -23.18
C ASP B 199 -14.63 15.50 -22.73
N ALA B 200 -13.63 14.86 -22.12
CA ALA B 200 -12.39 15.54 -21.76
C ALA B 200 -11.45 15.48 -22.96
N GLU B 201 -11.16 16.64 -23.55
CA GLU B 201 -10.43 16.68 -24.81
C GLU B 201 -9.03 16.10 -24.67
N GLY B 202 -8.74 15.11 -25.52
CA GLY B 202 -7.43 14.48 -25.51
C GLY B 202 -7.14 13.62 -24.31
N ALA B 203 -8.16 13.25 -23.53
CA ALA B 203 -7.92 12.45 -22.34
C ALA B 203 -7.47 11.04 -22.69
N GLU B 204 -8.16 10.38 -23.63
CA GLU B 204 -7.83 9.00 -23.97
C GLU B 204 -6.41 8.89 -24.53
N GLU B 205 -6.04 9.81 -25.41
CA GLU B 205 -4.69 9.78 -25.97
C GLU B 205 -3.64 9.93 -24.87
N PHE B 206 -3.87 10.86 -23.95
CA PHE B 206 -2.95 11.09 -22.85
C PHE B 206 -2.81 9.84 -21.98
N PHE B 207 -3.92 9.23 -21.58
CA PHE B 207 -3.85 8.10 -20.66
C PHE B 207 -3.54 6.78 -21.36
N SER B 208 -3.49 6.78 -22.69
CA SER B 208 -3.00 5.62 -23.43
C SER B 208 -1.49 5.62 -23.59
N GLN B 209 -0.81 6.72 -23.24
CA GLN B 209 0.65 6.72 -23.22
C GLN B 209 1.16 5.60 -22.31
N ARG B 210 2.24 4.93 -22.74
CA ARG B 210 2.76 3.82 -21.94
C ARG B 210 3.25 4.27 -20.57
N THR B 211 3.72 5.51 -20.45
CA THR B 211 4.11 6.03 -19.14
C THR B 211 2.90 6.19 -18.21
N LYS B 212 1.68 6.16 -18.77
CA LYS B 212 0.47 6.20 -17.95
C LYS B 212 -0.11 4.80 -17.82
N THR B 213 -0.66 4.25 -18.90
CA THR B 213 -1.23 2.90 -18.87
C THR B 213 -0.31 1.96 -19.63
N PRO B 214 0.35 1.03 -18.95
CA PRO B 214 1.34 0.17 -19.63
C PRO B 214 0.77 -0.66 -20.77
N MET B 215 -0.52 -1.01 -20.73
CA MET B 215 -1.09 -1.76 -21.85
C MET B 215 -1.23 -0.94 -23.11
N GLY B 216 -1.06 0.38 -23.04
CA GLY B 216 -1.11 1.22 -24.23
C GLY B 216 -2.50 1.56 -24.71
N HIS B 217 -3.53 1.29 -23.91
CA HIS B 217 -4.90 1.64 -24.25
C HIS B 217 -5.67 1.73 -22.95
N ILE B 218 -6.84 2.34 -22.99
CA ILE B 218 -7.69 2.43 -21.81
C ILE B 218 -8.70 1.29 -21.85
N GLY B 219 -9.37 1.06 -20.72
CA GLY B 219 -10.28 -0.05 -20.57
C GLY B 219 -11.65 0.29 -21.10
N GLU B 220 -12.57 -0.64 -20.92
CA GLU B 220 -13.96 -0.48 -21.33
C GLU B 220 -14.86 -0.73 -20.14
N PRO B 221 -16.09 -0.21 -20.17
CA PRO B 221 -16.96 -0.36 -18.98
C PRO B 221 -17.16 -1.79 -18.54
N ASN B 222 -17.19 -2.75 -19.48
CA ASN B 222 -17.38 -4.14 -19.06
C ASN B 222 -16.22 -4.65 -18.21
N ASP B 223 -15.04 -4.05 -18.34
CA ASP B 223 -13.93 -4.43 -17.48
C ASP B 223 -14.27 -4.18 -16.01
N ILE B 224 -15.03 -3.14 -15.73
CA ILE B 224 -15.41 -2.90 -14.34
C ILE B 224 -16.68 -3.66 -13.99
N ALA B 225 -17.59 -3.85 -14.95
CA ALA B 225 -18.78 -4.63 -14.65
C ALA B 225 -18.43 -6.02 -14.13
N TRP B 226 -17.44 -6.69 -14.74
CA TRP B 226 -17.21 -8.08 -14.37
C TRP B 226 -16.58 -8.23 -12.99
N ILE B 227 -15.74 -7.28 -12.55
CA ILE B 227 -15.27 -7.42 -11.17
C ILE B 227 -16.40 -7.10 -10.19
N CYS B 228 -17.32 -6.21 -10.55
CA CYS B 228 -18.46 -5.96 -9.68
C CYS B 228 -19.38 -7.17 -9.61
N VAL B 229 -19.53 -7.91 -10.72
CA VAL B 229 -20.28 -9.17 -10.67
C VAL B 229 -19.66 -10.10 -9.64
N TYR B 230 -18.33 -10.27 -9.69
CA TYR B 230 -17.66 -11.13 -8.71
C TYR B 230 -17.95 -10.67 -7.29
N LEU B 231 -17.88 -9.35 -7.05
CA LEU B 231 -18.03 -8.84 -5.70
C LEU B 231 -19.48 -8.89 -5.21
N ALA B 232 -20.45 -8.76 -6.12
CA ALA B 232 -21.84 -8.85 -5.72
C ALA B 232 -22.26 -10.30 -5.45
N SER B 233 -21.57 -11.27 -6.05
CA SER B 233 -21.95 -12.68 -5.96
C SER B 233 -21.46 -13.30 -4.67
N ASP B 234 -22.12 -14.39 -4.27
CA ASP B 234 -21.67 -15.19 -3.15
C ASP B 234 -20.33 -15.85 -3.39
N GLU B 235 -19.83 -15.87 -4.64
CA GLU B 235 -18.49 -16.39 -4.89
C GLU B 235 -17.46 -15.66 -4.05
N SER B 236 -17.71 -14.39 -3.73
CA SER B 236 -16.76 -13.54 -3.03
C SER B 236 -17.09 -13.39 -1.53
N LYS B 237 -17.78 -14.38 -0.96
CA LYS B 237 -18.26 -14.33 0.43
C LYS B 237 -17.15 -14.19 1.47
N PHE B 238 -15.88 -14.40 1.12
CA PHE B 238 -14.77 -14.20 2.04
C PHE B 238 -14.01 -12.92 1.75
N ALA B 239 -14.46 -12.11 0.79
CA ALA B 239 -13.77 -10.87 0.43
C ALA B 239 -14.47 -9.70 1.08
N THR B 240 -13.77 -9.00 1.98
CA THR B 240 -14.31 -7.78 2.55
C THR B 240 -13.16 -6.88 2.96
N GLY B 241 -13.40 -5.56 2.89
CA GLY B 241 -12.40 -4.55 3.22
C GLY B 241 -11.28 -4.37 2.23
N ALA B 242 -11.37 -5.00 1.07
CA ALA B 242 -10.27 -5.11 0.12
C ALA B 242 -10.48 -4.23 -1.10
N GLU B 243 -9.40 -4.06 -1.86
CA GLU B 243 -9.30 -3.13 -2.98
C GLU B 243 -9.07 -3.93 -4.26
N PHE B 244 -9.94 -3.75 -5.24
CA PHE B 244 -9.89 -4.53 -6.48
C PHE B 244 -9.54 -3.59 -7.63
N VAL B 245 -8.34 -3.77 -8.18
CA VAL B 245 -7.72 -2.80 -9.08
C VAL B 245 -7.72 -3.36 -10.49
N VAL B 246 -8.37 -2.64 -11.40
CA VAL B 246 -8.51 -3.06 -12.80
C VAL B 246 -8.08 -1.86 -13.62
N ASP B 247 -6.78 -1.80 -14.00
CA ASP B 247 -6.20 -0.54 -14.42
C ASP B 247 -5.13 -0.67 -15.50
N GLY B 248 -5.03 -1.81 -16.18
CA GLY B 248 -4.07 -1.91 -17.27
C GLY B 248 -2.63 -1.82 -16.83
N GLY B 249 -2.36 -2.00 -15.54
CA GLY B 249 -1.02 -1.88 -15.01
C GLY B 249 -0.64 -0.51 -14.51
N TYR B 250 -1.58 0.44 -14.49
CA TYR B 250 -1.27 1.84 -14.23
C TYR B 250 -0.52 2.01 -12.90
N THR B 251 -1.03 1.40 -11.84
CA THR B 251 -0.43 1.57 -10.52
C THR B 251 0.67 0.56 -10.22
N ALA B 252 0.93 -0.39 -11.12
CA ALA B 252 2.01 -1.34 -10.90
C ALA B 252 3.38 -0.76 -11.21
N GLN B 253 3.44 0.40 -11.87
CA GLN B 253 4.71 1.06 -12.10
C GLN B 253 4.76 2.38 -11.32
N THR C 3 23.63 22.37 16.13
CA THR C 3 23.28 23.21 14.99
C THR C 3 21.79 23.08 14.66
N ASP C 4 21.20 24.20 14.28
CA ASP C 4 19.76 24.26 14.04
C ASP C 4 19.42 23.53 12.74
N ARG C 5 18.55 22.52 12.84
CA ARG C 5 18.12 21.80 11.65
C ARG C 5 17.02 22.54 10.89
N LEU C 6 16.33 23.48 11.52
CA LEU C 6 15.29 24.29 10.89
C LEU C 6 15.68 25.77 10.83
N LYS C 7 16.97 26.04 10.62
CA LYS C 7 17.46 27.41 10.58
C LYS C 7 16.73 28.21 9.52
N GLY C 8 16.20 29.38 9.92
CA GLY C 8 15.53 30.27 9.01
C GLY C 8 14.10 29.92 8.69
N LYS C 9 13.61 28.76 9.12
CA LYS C 9 12.27 28.34 8.78
C LYS C 9 11.22 29.10 9.60
N VAL C 10 10.07 29.32 8.97
CA VAL C 10 8.92 29.96 9.59
C VAL C 10 7.72 29.05 9.37
N ALA C 11 7.17 28.52 10.46
CA ALA C 11 6.17 27.46 10.39
C ALA C 11 4.84 27.91 10.98
N ILE C 12 3.75 27.52 10.31
CA ILE C 12 2.42 27.50 10.91
C ILE C 12 2.10 26.07 11.32
N VAL C 13 1.77 25.87 12.58
CA VAL C 13 1.34 24.58 13.10
C VAL C 13 -0.09 24.74 13.61
N THR C 14 -1.06 24.21 12.87
CA THR C 14 -2.44 24.31 13.33
C THR C 14 -2.69 23.28 14.43
N GLY C 15 -3.57 23.64 15.37
CA GLY C 15 -3.74 22.81 16.53
C GLY C 15 -2.46 22.60 17.32
N GLY C 16 -1.67 23.66 17.49
CA GLY C 16 -0.37 23.52 18.12
C GLY C 16 -0.36 23.86 19.59
N THR C 17 -1.53 23.86 20.24
CA THR C 17 -1.61 24.23 21.64
C THR C 17 -1.64 23.04 22.59
N LEU C 18 -1.90 21.84 22.08
CA LEU C 18 -1.93 20.63 22.89
C LEU C 18 -1.36 19.46 22.10
N GLY C 19 -1.00 18.41 22.83
CA GLY C 19 -0.75 17.12 22.22
C GLY C 19 0.37 17.13 21.20
N ILE C 20 0.09 16.50 20.06
CA ILE C 20 1.11 16.35 19.02
C ILE C 20 1.56 17.71 18.51
N GLY C 21 0.60 18.59 18.20
CA GLY C 21 0.95 19.88 17.65
C GLY C 21 1.83 20.70 18.59
N LEU C 22 1.55 20.62 19.89
CA LEU C 22 2.37 21.31 20.88
C LEU C 22 3.82 20.84 20.82
N ALA C 23 4.03 19.52 20.76
CA ALA C 23 5.38 18.97 20.69
C ALA C 23 6.06 19.31 19.37
N ILE C 24 5.30 19.34 18.27
CA ILE C 24 5.87 19.78 16.99
C ILE C 24 6.40 21.20 17.11
N ALA C 25 5.58 22.11 17.64
CA ALA C 25 6.01 23.50 17.81
C ALA C 25 7.23 23.57 18.72
N ASP C 26 7.19 22.83 19.83
CA ASP C 26 8.31 22.78 20.77
C ASP C 26 9.62 22.46 20.06
N LYS C 27 9.65 21.33 19.35
CA LYS C 27 10.90 20.89 18.73
C LYS C 27 11.26 21.74 17.51
N PHE C 28 10.26 22.34 16.85
CA PHE C 28 10.55 23.28 15.77
C PHE C 28 11.32 24.49 16.31
N VAL C 29 10.86 25.08 17.40
CA VAL C 29 11.57 26.19 18.01
C VAL C 29 12.96 25.75 18.45
N GLU C 30 13.05 24.57 19.08
CA GLU C 30 14.35 24.05 19.51
C GLU C 30 15.34 23.99 18.34
N GLU C 31 14.88 23.67 17.14
CA GLU C 31 15.75 23.58 15.97
C GLU C 31 15.82 24.88 15.19
N GLY C 32 15.42 26.01 15.77
CA GLY C 32 15.66 27.31 15.18
C GLY C 32 14.52 27.90 14.37
N ALA C 33 13.37 27.23 14.29
CA ALA C 33 12.26 27.78 13.54
C ALA C 33 11.50 28.83 14.35
N LYS C 34 10.94 29.80 13.65
CA LYS C 34 9.91 30.67 14.20
C LYS C 34 8.55 30.07 13.88
N VAL C 35 7.66 30.04 14.86
CA VAL C 35 6.44 29.26 14.78
C VAL C 35 5.24 30.11 15.19
N VAL C 36 4.15 29.98 14.43
CA VAL C 36 2.83 30.40 14.87
C VAL C 36 2.01 29.14 15.09
N ILE C 37 1.46 29.00 16.29
CA ILE C 37 0.57 27.89 16.62
C ILE C 37 -0.85 28.41 16.66
N THR C 38 -1.80 27.57 16.25
CA THR C 38 -3.20 27.94 16.27
C THR C 38 -4.00 26.98 17.15
N GLY C 39 -5.21 27.43 17.46
CA GLY C 39 -6.12 26.71 18.33
C GLY C 39 -7.32 27.60 18.54
N ARG C 40 -8.35 27.01 19.14
CA ARG C 40 -9.59 27.77 19.31
C ARG C 40 -9.67 28.43 20.67
N HIS C 41 -9.20 27.77 21.72
CA HIS C 41 -9.25 28.32 23.06
C HIS C 41 -8.06 29.24 23.28
N ALA C 42 -8.34 30.52 23.53
CA ALA C 42 -7.27 31.51 23.60
C ALA C 42 -6.43 31.37 24.85
N ASP C 43 -7.04 30.98 25.98
CA ASP C 43 -6.28 30.83 27.21
C ASP C 43 -5.24 29.73 27.08
N VAL C 44 -5.67 28.54 26.65
CA VAL C 44 -4.75 27.44 26.40
C VAL C 44 -3.70 27.86 25.38
N GLY C 45 -4.11 28.58 24.33
CA GLY C 45 -3.19 28.95 23.28
C GLY C 45 -2.10 29.91 23.73
N GLU C 46 -2.47 30.91 24.53
CA GLU C 46 -1.46 31.83 25.04
C GLU C 46 -0.49 31.11 25.96
N LYS C 47 -1.02 30.24 26.82
CA LYS C 47 -0.15 29.44 27.65
C LYS C 47 0.72 28.50 26.82
N ALA C 48 0.17 27.84 25.81
CA ALA C 48 1.04 26.95 25.02
C ALA C 48 2.25 27.71 24.47
N ALA C 49 2.03 28.91 23.93
CA ALA C 49 3.11 29.67 23.29
C ALA C 49 4.17 30.08 24.31
N LYS C 50 3.71 30.54 25.47
CA LYS C 50 4.60 31.04 26.53
C LYS C 50 5.39 29.87 27.14
N SER C 51 4.87 28.65 27.02
CA SER C 51 5.56 27.49 27.58
C SER C 51 6.74 27.04 26.72
N ILE C 52 6.87 27.55 25.51
CA ILE C 52 7.94 27.19 24.60
C ILE C 52 8.94 28.32 24.43
N GLY C 53 8.48 29.56 24.44
CA GLY C 53 9.38 30.69 24.26
C GLY C 53 8.59 31.98 24.15
N GLY C 54 9.35 33.05 23.91
CA GLY C 54 8.75 34.36 23.79
C GLY C 54 8.34 34.69 22.36
N THR C 55 7.63 35.81 22.22
CA THR C 55 7.10 36.22 20.94
C THR C 55 8.17 36.41 19.87
N ASP C 56 9.45 36.39 20.25
CA ASP C 56 10.50 36.45 19.25
C ASP C 56 10.64 35.14 18.49
N VAL C 57 10.19 34.01 19.06
CA VAL C 57 10.34 32.73 18.38
C VAL C 57 8.98 32.06 18.12
N ILE C 58 7.99 32.33 18.97
CA ILE C 58 6.71 31.62 18.84
C ILE C 58 5.59 32.53 19.30
N ARG C 59 4.45 32.43 18.62
CA ARG C 59 3.25 33.21 18.94
C ARG C 59 2.02 32.36 18.71
N PHE C 60 0.91 32.75 19.35
CA PHE C 60 -0.36 32.06 19.23
C PHE C 60 -1.36 32.92 18.46
N VAL C 61 -2.08 32.29 17.55
CA VAL C 61 -3.16 32.94 16.81
C VAL C 61 -4.41 32.09 16.99
N GLN C 62 -5.50 32.73 17.44
CA GLN C 62 -6.78 32.06 17.56
C GLN C 62 -7.38 31.90 16.17
N HIS C 63 -7.52 30.66 15.73
CA HIS C 63 -8.03 30.41 14.39
C HIS C 63 -8.58 28.99 14.34
N ASP C 64 -9.80 28.87 13.83
CA ASP C 64 -10.41 27.57 13.58
C ASP C 64 -9.97 27.12 12.19
N ALA C 65 -9.39 25.91 12.12
CA ALA C 65 -8.84 25.45 10.85
C ALA C 65 -9.89 25.33 9.77
N SER C 66 -11.18 25.22 10.12
CA SER C 66 -12.25 25.17 9.13
C SER C 66 -12.68 26.54 8.65
N ASP C 67 -12.06 27.61 9.15
CA ASP C 67 -12.44 28.99 8.82
C ASP C 67 -11.60 29.43 7.63
N GLU C 68 -12.20 29.36 6.43
CA GLU C 68 -11.46 29.60 5.20
C GLU C 68 -10.88 31.01 5.15
N ALA C 69 -11.72 32.03 5.42
CA ALA C 69 -11.22 33.40 5.36
C ALA C 69 -10.14 33.64 6.41
N GLY C 70 -10.26 33.01 7.58
CA GLY C 70 -9.26 33.16 8.62
C GLY C 70 -7.88 32.68 8.21
N TRP C 71 -7.81 31.78 7.22
CA TRP C 71 -6.52 31.27 6.80
C TRP C 71 -5.66 32.38 6.18
N THR C 72 -6.28 33.24 5.37
CA THR C 72 -5.54 34.35 4.78
C THR C 72 -5.03 35.30 5.85
N LYS C 73 -5.85 35.61 6.85
CA LYS C 73 -5.40 36.45 7.94
C LYS C 73 -4.29 35.76 8.74
N LEU C 74 -4.38 34.44 8.88
CA LEU C 74 -3.36 33.69 9.62
C LEU C 74 -2.00 33.77 8.92
N PHE C 75 -1.99 33.58 7.60
CA PHE C 75 -0.72 33.71 6.87
C PHE C 75 -0.20 35.14 6.94
N ASP C 76 -1.08 36.12 6.74
CA ASP C 76 -0.68 37.52 6.81
C ASP C 76 -0.07 37.85 8.16
N THR C 77 -0.73 37.44 9.25
CA THR C 77 -0.22 37.70 10.59
C THR C 77 1.14 37.04 10.80
N THR C 78 1.28 35.79 10.36
CA THR C 78 2.57 35.10 10.52
C THR C 78 3.66 35.79 9.69
N GLU C 79 3.34 36.18 8.45
CA GLU C 79 4.34 36.81 7.60
C GLU C 79 4.82 38.13 8.21
N GLU C 80 3.89 38.94 8.72
CA GLU C 80 4.28 40.21 9.31
C GLU C 80 5.14 40.00 10.56
N ALA C 81 4.90 38.92 11.29
CA ALA C 81 5.64 38.65 12.52
C ALA C 81 7.04 38.12 12.24
N PHE C 82 7.15 37.14 11.34
CA PHE C 82 8.38 36.36 11.20
C PHE C 82 8.95 36.33 9.79
N GLY C 83 8.27 36.94 8.82
CA GLY C 83 8.71 36.84 7.46
C GLY C 83 7.96 35.74 6.71
N PRO C 84 8.36 35.48 5.48
CA PRO C 84 7.61 34.53 4.64
C PRO C 84 7.52 33.15 5.27
N VAL C 85 6.30 32.61 5.28
CA VAL C 85 6.06 31.27 5.79
C VAL C 85 6.79 30.26 4.92
N THR C 86 7.51 29.33 5.56
CA THR C 86 8.21 28.26 4.86
C THR C 86 7.62 26.88 5.10
N THR C 87 6.81 26.72 6.13
CA THR C 87 6.43 25.39 6.60
C THR C 87 5.01 25.45 7.12
N VAL C 88 4.18 24.51 6.69
CA VAL C 88 2.80 24.45 7.15
C VAL C 88 2.55 23.04 7.66
N VAL C 89 2.18 22.92 8.92
CA VAL C 89 1.84 21.63 9.52
C VAL C 89 0.33 21.65 9.76
N ASN C 90 -0.42 20.97 8.90
CA ASN C 90 -1.88 20.87 9.06
C ASN C 90 -2.17 19.75 10.04
N ASN C 91 -2.15 20.11 11.33
CA ASN C 91 -2.26 19.15 12.41
C ASN C 91 -3.63 19.16 13.11
N ALA C 92 -4.37 20.28 13.07
CA ALA C 92 -5.66 20.33 13.74
C ALA C 92 -6.56 19.22 13.26
N GLY C 93 -7.16 18.48 14.20
CA GLY C 93 -8.08 17.41 13.84
C GLY C 93 -8.88 17.00 15.05
N ILE C 94 -10.03 16.38 14.77
CA ILE C 94 -10.94 15.92 15.83
C ILE C 94 -11.41 14.51 15.50
N ALA C 95 -12.07 13.90 16.48
CA ALA C 95 -12.52 12.51 16.36
C ALA C 95 -14.00 12.40 16.70
N VAL C 96 -14.60 11.31 16.22
CA VAL C 96 -15.99 10.97 16.51
C VAL C 96 -16.05 9.46 16.64
N SER C 97 -16.51 8.96 17.79
CA SER C 97 -16.51 7.52 18.05
C SER C 97 -17.87 6.94 17.62
N LYS C 98 -18.01 6.74 16.31
CA LYS C 98 -19.20 6.17 15.70
C LYS C 98 -18.79 5.30 14.53
N SER C 99 -19.44 4.15 14.39
CA SER C 99 -19.35 3.41 13.14
C SER C 99 -19.95 4.22 11.99
N VAL C 100 -19.61 3.81 10.76
CA VAL C 100 -20.28 4.38 9.59
C VAL C 100 -21.79 4.28 9.74
N GLU C 101 -22.27 3.11 10.18
CA GLU C 101 -23.70 2.86 10.30
C GLU C 101 -24.35 3.85 11.26
N ASP C 102 -23.66 4.21 12.34
CA ASP C 102 -24.21 5.03 13.41
C ASP C 102 -23.81 6.50 13.31
N THR C 103 -23.14 6.90 12.23
CA THR C 103 -22.69 8.29 12.13
C THR C 103 -23.84 9.18 11.68
N THR C 104 -24.11 10.24 12.44
CA THR C 104 -25.09 11.21 11.98
C THR C 104 -24.45 12.13 10.95
N THR C 105 -25.29 12.66 10.06
CA THR C 105 -24.76 13.56 9.05
C THR C 105 -24.16 14.82 9.68
N GLU C 106 -24.73 15.26 10.81
CA GLU C 106 -24.13 16.37 11.56
C GLU C 106 -22.71 16.05 11.98
N GLU C 107 -22.49 14.85 12.55
CA GLU C 107 -21.15 14.46 12.99
C GLU C 107 -20.21 14.32 11.81
N TRP C 108 -20.70 13.69 10.74
CA TRP C 108 -19.92 13.53 9.52
C TRP C 108 -19.41 14.86 9.02
N ARG C 109 -20.30 15.84 8.90
CA ARG C 109 -19.93 17.14 8.35
C ARG C 109 -19.01 17.90 9.29
N LYS C 110 -19.24 17.78 10.60
CA LYS C 110 -18.39 18.50 11.56
C LYS C 110 -16.95 18.03 11.46
N LEU C 111 -16.75 16.71 11.54
CA LEU C 111 -15.41 16.16 11.50
C LEU C 111 -14.71 16.49 10.18
N LEU C 112 -15.42 16.33 9.06
CA LEU C 112 -14.73 16.56 7.78
C LEU C 112 -14.43 18.04 7.55
N SER C 113 -15.26 18.94 8.12
N SER C 113 -15.24 18.94 8.12
CA SER C 113 -14.95 20.36 7.99
CA SER C 113 -14.94 20.35 7.98
C SER C 113 -13.59 20.69 8.60
C SER C 113 -13.60 20.71 8.61
N VAL C 114 -13.26 20.07 9.73
CA VAL C 114 -11.95 20.32 10.35
C VAL C 114 -10.88 19.44 9.71
N ASN C 115 -11.12 18.14 9.68
CA ASN C 115 -10.07 17.19 9.33
C ASN C 115 -9.74 17.19 7.85
N LEU C 116 -10.72 17.47 6.98
CA LEU C 116 -10.49 17.50 5.55
C LEU C 116 -10.47 18.92 4.99
N ASP C 117 -11.56 19.67 5.13
CA ASP C 117 -11.58 21.02 4.57
C ASP C 117 -10.46 21.88 5.14
N GLY C 118 -10.19 21.77 6.44
CA GLY C 118 -9.12 22.56 7.04
C GLY C 118 -7.76 22.25 6.44
N VAL C 119 -7.48 20.97 6.21
CA VAL C 119 -6.20 20.59 5.60
C VAL C 119 -6.16 21.06 4.16
N PHE C 120 -7.30 21.00 3.47
CA PHE C 120 -7.37 21.54 2.12
C PHE C 120 -7.07 23.05 2.10
N PHE C 121 -7.73 23.80 3.00
CA PHE C 121 -7.50 25.26 3.01
C PHE C 121 -6.03 25.55 3.29
N GLY C 122 -5.43 24.84 4.24
CA GLY C 122 -4.05 25.10 4.58
C GLY C 122 -3.09 24.69 3.49
N THR C 123 -3.37 23.56 2.83
CA THR C 123 -2.52 23.11 1.73
C THR C 123 -2.63 24.03 0.52
N ARG C 124 -3.86 24.33 0.09
CA ARG C 124 -4.07 25.19 -1.07
C ARG C 124 -3.40 26.54 -0.87
N LEU C 125 -3.65 27.19 0.27
CA LEU C 125 -3.05 28.50 0.52
C LEU C 125 -1.54 28.39 0.70
N GLY C 126 -1.08 27.37 1.43
CA GLY C 126 0.36 27.16 1.57
C GLY C 126 1.09 27.10 0.24
N ILE C 127 0.52 26.38 -0.74
CA ILE C 127 1.15 26.32 -2.05
C ILE C 127 1.18 27.71 -2.69
N GLN C 128 0.03 28.39 -2.66
CA GLN C 128 -0.05 29.71 -3.28
C GLN C 128 0.98 30.67 -2.69
N ARG C 129 1.14 30.64 -1.37
CA ARG C 129 1.93 31.63 -0.65
C ARG C 129 3.40 31.28 -0.54
N MET C 130 3.78 30.01 -0.69
CA MET C 130 5.16 29.61 -0.51
C MET C 130 5.86 29.23 -1.80
N LYS C 131 5.12 29.04 -2.89
CA LYS C 131 5.74 28.58 -4.13
C LYS C 131 6.69 29.63 -4.70
N ASN C 132 7.73 29.15 -5.38
CA ASN C 132 8.60 29.97 -6.22
C ASN C 132 9.33 31.04 -5.42
N LYS C 133 9.66 30.76 -4.16
CA LYS C 133 10.34 31.74 -3.33
C LYS C 133 11.66 31.21 -2.77
N GLY C 134 12.13 30.07 -3.27
CA GLY C 134 13.38 29.51 -2.78
C GLY C 134 13.42 29.25 -1.30
N LEU C 135 12.27 28.91 -0.71
CA LEU C 135 12.17 28.76 0.73
C LEU C 135 12.47 27.35 1.23
N GLY C 136 12.61 26.37 0.34
CA GLY C 136 12.65 24.99 0.79
C GLY C 136 11.38 24.68 1.55
N ALA C 137 10.25 25.01 0.95
CA ALA C 137 8.98 24.96 1.64
C ALA C 137 8.50 23.53 1.78
N SER C 138 7.77 23.28 2.88
CA SER C 138 7.34 21.93 3.24
C SER C 138 5.97 22.01 3.87
N ILE C 139 5.02 21.26 3.31
CA ILE C 139 3.68 21.12 3.88
C ILE C 139 3.58 19.71 4.46
N ILE C 140 3.25 19.62 5.74
CA ILE C 140 3.21 18.36 6.45
C ILE C 140 1.77 18.17 6.89
N ASN C 141 1.09 17.20 6.31
CA ASN C 141 -0.32 16.98 6.59
C ASN C 141 -0.48 15.79 7.51
N MET C 142 -1.21 15.99 8.60
CA MET C 142 -1.32 14.98 9.65
C MET C 142 -2.45 14.05 9.27
N SER C 143 -2.09 12.86 8.80
CA SER C 143 -3.05 11.79 8.59
C SER C 143 -3.04 10.94 9.86
N SER C 144 -3.00 9.62 9.71
CA SER C 144 -3.08 8.70 10.84
C SER C 144 -2.88 7.29 10.29
N ILE C 145 -2.57 6.33 11.18
CA ILE C 145 -2.77 4.94 10.78
C ILE C 145 -4.19 4.71 10.27
N GLU C 146 -5.15 5.50 10.75
CA GLU C 146 -6.53 5.41 10.27
C GLU C 146 -6.73 5.99 8.88
N GLY C 147 -5.68 6.44 8.21
CA GLY C 147 -5.70 6.71 6.80
C GLY C 147 -5.18 5.54 5.98
N LEU C 148 -4.73 4.48 6.65
CA LEU C 148 -4.13 3.30 6.05
C LEU C 148 -4.96 2.05 6.26
N VAL C 149 -5.57 1.91 7.44
CA VAL C 149 -6.42 0.78 7.79
C VAL C 149 -7.71 1.33 8.37
N GLY C 150 -8.74 0.51 8.35
CA GLY C 150 -10.01 0.89 8.91
C GLY C 150 -10.11 0.64 10.41
N ASP C 151 -11.08 1.32 11.02
CA ASP C 151 -11.44 1.19 12.43
C ASP C 151 -12.96 1.12 12.41
N PRO C 152 -13.58 0.04 12.91
CA PRO C 152 -15.04 -0.07 12.83
C PRO C 152 -15.80 1.02 13.59
N THR C 153 -15.15 1.73 14.51
CA THR C 153 -15.81 2.76 15.31
C THR C 153 -15.32 4.17 15.01
N GLN C 154 -14.70 4.40 13.84
CA GLN C 154 -14.21 5.72 13.47
C GLN C 154 -14.45 5.98 11.98
N GLY C 155 -15.69 5.77 11.53
CA GLY C 155 -15.97 5.83 10.10
C GLY C 155 -15.64 7.17 9.46
N ALA C 156 -16.12 8.27 10.05
CA ALA C 156 -15.85 9.58 9.47
C ALA C 156 -14.37 9.93 9.57
N TYR C 157 -13.74 9.62 10.71
CA TYR C 157 -12.32 9.84 10.87
C TYR C 157 -11.51 9.12 9.79
N ASN C 158 -11.84 7.85 9.54
CA ASN C 158 -11.20 7.07 8.46
C ASN C 158 -11.35 7.77 7.12
N ALA C 159 -12.55 8.27 6.83
CA ALA C 159 -12.75 8.99 5.57
C ALA C 159 -11.81 10.17 5.50
N SER C 160 -11.77 10.98 6.57
CA SER C 160 -10.99 12.21 6.54
C SER C 160 -9.50 11.93 6.37
N LYS C 161 -9.00 10.89 7.05
CA LYS C 161 -7.56 10.62 7.02
C LYS C 161 -7.15 9.91 5.72
N GLY C 162 -8.06 9.14 5.11
CA GLY C 162 -7.79 8.64 3.77
C GLY C 162 -7.78 9.74 2.73
N ALA C 163 -8.70 10.71 2.87
CA ALA C 163 -8.71 11.86 1.97
C ALA C 163 -7.41 12.65 2.07
N VAL C 164 -6.96 12.96 3.29
CA VAL C 164 -5.71 13.69 3.50
C VAL C 164 -4.54 12.95 2.85
N ARG C 165 -4.51 11.63 3.02
CA ARG C 165 -3.43 10.81 2.47
C ARG C 165 -3.27 11.03 0.97
N ILE C 166 -4.37 10.94 0.22
CA ILE C 166 -4.24 10.95 -1.23
C ILE C 166 -4.27 12.38 -1.79
N MET C 167 -5.06 13.27 -1.19
CA MET C 167 -5.02 14.68 -1.60
C MET C 167 -3.60 15.24 -1.51
N SER C 168 -2.88 14.83 -0.46
CA SER C 168 -1.51 15.32 -0.29
C SER C 168 -0.61 14.86 -1.42
N LYS C 169 -0.83 13.65 -1.95
CA LYS C 169 -0.03 13.20 -3.09
C LYS C 169 -0.28 14.07 -4.31
N SER C 170 -1.54 14.43 -4.56
CA SER C 170 -1.86 15.33 -5.67
C SER C 170 -1.05 16.62 -5.55
N ALA C 171 -1.09 17.22 -4.37
CA ALA C 171 -0.40 18.48 -4.14
C ALA C 171 1.11 18.32 -4.29
N ALA C 172 1.66 17.24 -3.76
CA ALA C 172 3.10 16.99 -3.90
C ALA C 172 3.50 16.91 -5.36
N LEU C 173 2.71 16.19 -6.17
CA LEU C 173 3.05 16.00 -7.57
C LEU C 173 2.99 17.31 -8.34
N ASP C 174 1.93 18.08 -8.14
CA ASP C 174 1.80 19.35 -8.85
C ASP C 174 2.96 20.27 -8.49
N CYS C 175 3.30 20.36 -7.19
CA CYS C 175 4.41 21.20 -6.77
C CYS C 175 5.73 20.74 -7.34
N ALA C 176 5.94 19.43 -7.42
CA ALA C 176 7.21 18.93 -7.96
C ALA C 176 7.30 19.16 -9.46
N LEU C 177 6.21 18.89 -10.19
CA LEU C 177 6.23 19.01 -11.64
C LEU C 177 6.37 20.47 -12.07
N LYS C 178 5.88 21.40 -11.27
CA LYS C 178 5.94 22.82 -11.61
C LYS C 178 7.13 23.54 -10.99
N ASP C 179 8.04 22.81 -10.34
CA ASP C 179 9.25 23.38 -9.75
C ASP C 179 8.93 24.48 -8.74
N TYR C 180 7.90 24.25 -7.91
CA TYR C 180 7.46 25.24 -6.95
C TYR C 180 8.38 25.37 -5.74
N ASP C 181 9.32 24.45 -5.53
CA ASP C 181 10.11 24.37 -4.31
C ASP C 181 9.19 24.26 -3.08
N VAL C 182 8.19 23.39 -3.19
CA VAL C 182 7.29 23.05 -2.10
C VAL C 182 7.16 21.53 -2.09
N ARG C 183 7.41 20.91 -0.95
CA ARG C 183 7.17 19.48 -0.78
C ARG C 183 5.93 19.28 0.07
N VAL C 184 5.22 18.18 -0.16
CA VAL C 184 4.03 17.83 0.61
C VAL C 184 4.15 16.36 1.00
N ASN C 185 4.04 16.07 2.29
CA ASN C 185 4.09 14.68 2.76
C ASN C 185 3.05 14.49 3.85
N THR C 186 2.73 13.23 4.13
CA THR C 186 1.79 12.93 5.21
C THR C 186 2.47 12.15 6.32
N VAL C 187 2.06 12.42 7.55
CA VAL C 187 2.52 11.70 8.72
C VAL C 187 1.37 10.88 9.26
N HIS C 188 1.66 9.62 9.62
CA HIS C 188 0.65 8.66 10.03
C HIS C 188 1.01 8.14 11.41
N PRO C 189 0.69 8.88 12.46
CA PRO C 189 0.92 8.38 13.81
C PRO C 189 0.03 7.19 14.09
N GLY C 190 0.58 6.24 14.86
CA GLY C 190 -0.27 5.30 15.57
C GLY C 190 -0.80 5.99 16.81
N PRO C 191 -1.23 5.21 17.81
CA PRO C 191 -1.79 5.83 19.02
C PRO C 191 -0.70 6.58 19.77
N ILE C 192 -1.01 7.81 20.17
CA ILE C 192 -0.08 8.73 20.83
C ILE C 192 -0.79 9.30 22.06
N LYS C 193 -0.09 9.35 23.19
CA LYS C 193 -0.67 9.90 24.41
C LYS C 193 -0.84 11.41 24.29
N THR C 194 -2.09 11.86 24.13
CA THR C 194 -2.44 13.26 23.95
C THR C 194 -3.76 13.50 24.67
N PRO C 195 -4.17 14.75 24.89
CA PRO C 195 -5.53 14.99 25.41
C PRO C 195 -6.61 14.28 24.61
N LEU C 196 -6.48 14.21 23.29
CA LEU C 196 -7.47 13.50 22.48
C LEU C 196 -7.65 12.06 22.97
N VAL C 197 -6.53 11.38 23.26
CA VAL C 197 -6.61 9.99 23.70
C VAL C 197 -7.00 9.91 25.17
N ASP C 198 -6.42 10.80 25.99
CA ASP C 198 -6.71 10.78 27.42
C ASP C 198 -8.19 11.01 27.69
N ASP C 199 -8.84 11.85 26.89
CA ASP C 199 -10.25 12.14 27.09
C ASP C 199 -11.16 11.02 26.60
N ALA C 200 -10.64 10.09 25.79
CA ALA C 200 -11.41 8.95 25.31
C ALA C 200 -11.23 7.81 26.31
N GLU C 201 -12.29 7.46 27.02
CA GLU C 201 -12.20 6.54 28.15
C GLU C 201 -11.80 5.15 27.67
N GLY C 202 -10.70 4.63 28.22
CA GLY C 202 -10.24 3.30 27.88
C GLY C 202 -9.45 3.19 26.58
N ALA C 203 -9.21 4.31 25.90
CA ALA C 203 -8.56 4.26 24.59
C ALA C 203 -7.11 3.80 24.71
N GLU C 204 -6.37 4.36 25.65
CA GLU C 204 -4.96 3.96 25.81
C GLU C 204 -4.85 2.48 26.14
N GLU C 205 -5.72 1.97 27.02
CA GLU C 205 -5.66 0.55 27.38
C GLU C 205 -5.97 -0.33 26.17
N PHE C 206 -6.96 0.07 25.37
CA PHE C 206 -7.35 -0.71 24.21
C PHE C 206 -6.23 -0.77 23.19
N PHE C 207 -5.62 0.37 22.90
CA PHE C 207 -4.59 0.41 21.87
C PHE C 207 -3.23 -0.08 22.35
N SER C 208 -3.05 -0.24 23.67
CA SER C 208 -1.82 -0.84 24.17
C SER C 208 -1.82 -2.36 24.09
N GLN C 209 -2.97 -2.98 23.77
CA GLN C 209 -3.00 -4.42 23.55
C GLN C 209 -2.02 -4.80 22.45
N ARG C 210 -1.30 -5.92 22.66
CA ARG C 210 -0.34 -6.39 21.65
C ARG C 210 -0.99 -6.63 20.30
N THR C 211 -2.27 -7.03 20.28
CA THR C 211 -2.98 -7.23 19.01
C THR C 211 -3.27 -5.92 18.30
N LYS C 212 -3.14 -4.78 18.99
CA LYS C 212 -3.27 -3.48 18.33
C LYS C 212 -1.89 -2.88 18.09
N THR C 213 -1.18 -2.48 19.15
CA THR C 213 0.17 -1.94 19.00
C THR C 213 1.18 -2.99 19.45
N PRO C 214 1.96 -3.58 18.55
CA PRO C 214 2.88 -4.66 18.95
C PRO C 214 3.90 -4.27 20.01
N MET C 215 4.28 -2.99 20.08
CA MET C 215 5.20 -2.54 21.12
C MET C 215 4.58 -2.58 22.51
N GLY C 216 3.27 -2.76 22.61
CA GLY C 216 2.61 -2.94 23.90
C GLY C 216 2.33 -1.66 24.65
N HIS C 217 2.51 -0.51 24.02
CA HIS C 217 2.29 0.79 24.61
C HIS C 217 2.02 1.76 23.47
N ILE C 218 1.49 2.92 23.79
CA ILE C 218 1.26 3.95 22.81
C ILE C 218 2.43 4.94 22.85
N GLY C 219 2.53 5.78 21.83
CA GLY C 219 3.66 6.66 21.69
C GLY C 219 3.46 7.95 22.47
N GLU C 220 4.38 8.88 22.26
CA GLU C 220 4.34 10.18 22.91
C GLU C 220 4.45 11.27 21.87
N PRO C 221 3.96 12.48 22.18
CA PRO C 221 3.98 13.55 21.18
C PRO C 221 5.34 13.79 20.53
N ASN C 222 6.43 13.68 21.28
CA ASN C 222 7.73 13.92 20.66
C ASN C 222 8.03 12.92 19.57
N ASP C 223 7.42 11.73 19.60
CA ASP C 223 7.64 10.77 18.52
C ASP C 223 7.19 11.35 17.19
N ILE C 224 6.10 12.10 17.18
CA ILE C 224 5.67 12.71 15.94
C ILE C 224 6.44 14.01 15.68
N ALA C 225 6.84 14.73 16.73
CA ALA C 225 7.58 15.97 16.50
C ALA C 225 8.86 15.71 15.73
N TRP C 226 9.56 14.61 16.04
CA TRP C 226 10.86 14.41 15.41
C TRP C 226 10.74 14.01 13.95
N ILE C 227 9.70 13.25 13.58
CA ILE C 227 9.57 12.99 12.14
C ILE C 227 9.13 14.25 11.41
N CYS C 228 8.39 15.14 12.09
CA CYS C 228 8.05 16.42 11.46
C CYS C 228 9.27 17.33 11.34
N VAL C 229 10.21 17.28 12.28
CA VAL C 229 11.42 18.07 12.12
C VAL C 229 12.18 17.62 10.88
N TYR C 230 12.29 16.31 10.69
CA TYR C 230 12.92 15.76 9.49
C TYR C 230 12.23 16.27 8.22
N LEU C 231 10.89 16.25 8.21
CA LEU C 231 10.17 16.64 7.00
C LEU C 231 10.22 18.15 6.75
N ALA C 232 10.27 18.97 7.79
CA ALA C 232 10.36 20.41 7.62
C ALA C 232 11.77 20.86 7.23
N SER C 233 12.78 20.05 7.55
N SER C 233 12.78 20.07 7.56
CA SER C 233 14.17 20.41 7.31
CA SER C 233 14.16 20.46 7.29
C SER C 233 14.56 20.11 5.87
C SER C 233 14.54 20.15 5.86
N ASP C 234 15.56 20.85 5.38
CA ASP C 234 16.10 20.58 4.06
C ASP C 234 16.76 19.22 3.95
N GLU C 235 17.01 18.55 5.09
CA GLU C 235 17.47 17.17 5.07
C GLU C 235 16.59 16.28 4.21
N SER C 236 15.30 16.60 4.10
CA SER C 236 14.35 15.77 3.38
C SER C 236 13.98 16.35 2.02
N LYS C 237 14.91 17.08 1.39
CA LYS C 237 14.67 17.77 0.13
C LYS C 237 14.27 16.86 -1.03
N PHE C 238 14.44 15.55 -0.91
CA PHE C 238 14.03 14.61 -1.95
C PHE C 238 12.79 13.82 -1.57
N ALA C 239 12.21 14.09 -0.40
CA ALA C 239 11.02 13.38 0.07
C ALA C 239 9.77 14.21 -0.27
N THR C 240 8.93 13.68 -1.15
CA THR C 240 7.64 14.32 -1.37
C THR C 240 6.64 13.26 -1.81
N GLY C 241 5.37 13.52 -1.48
CA GLY C 241 4.31 12.60 -1.81
C GLY C 241 4.29 11.33 -1.01
N ALA C 242 5.05 11.25 0.09
CA ALA C 242 5.23 10.00 0.79
C ALA C 242 4.55 10.00 2.15
N GLU C 243 4.44 8.79 2.71
CA GLU C 243 3.72 8.52 3.94
C GLU C 243 4.71 8.06 5.00
N PHE C 244 4.76 8.78 6.13
CA PHE C 244 5.74 8.52 7.18
C PHE C 244 4.98 8.02 8.39
N VAL C 245 5.16 6.72 8.68
CA VAL C 245 4.35 5.96 9.64
C VAL C 245 5.17 5.75 10.90
N VAL C 246 4.66 6.24 12.02
CA VAL C 246 5.31 6.12 13.33
C VAL C 246 4.25 5.58 14.27
N ASP C 247 4.19 4.25 14.43
CA ASP C 247 2.99 3.61 14.94
C ASP C 247 3.23 2.39 15.81
N GLY C 248 4.46 2.13 16.27
CA GLY C 248 4.72 1.00 17.13
C GLY C 248 4.49 -0.35 16.50
N GLY C 249 4.42 -0.42 15.17
CA GLY C 249 4.18 -1.67 14.49
C GLY C 249 2.73 -1.93 14.14
N TYR C 250 1.83 -1.01 14.48
CA TYR C 250 0.39 -1.24 14.35
C TYR C 250 0.02 -1.71 12.94
N THR C 251 0.54 -1.04 11.91
CA THR C 251 0.14 -1.37 10.55
C THR C 251 1.06 -2.40 9.90
N ALA C 252 2.10 -2.85 10.59
CA ALA C 252 2.95 -3.89 10.04
C ALA C 252 2.36 -5.29 10.18
N GLN C 253 1.33 -5.47 11.00
CA GLN C 253 0.67 -6.78 11.11
C GLN C 253 -0.75 -6.71 10.55
N MET D 2 -26.01 -19.94 -19.47
CA MET D 2 -24.97 -19.19 -20.17
C MET D 2 -23.79 -20.09 -20.55
N THR D 3 -22.60 -19.51 -20.63
CA THR D 3 -21.47 -20.18 -21.25
C THR D 3 -20.29 -20.28 -20.28
N ASP D 4 -19.36 -21.19 -20.64
CA ASP D 4 -18.16 -21.43 -19.85
C ASP D 4 -17.25 -20.21 -19.86
N ARG D 5 -16.87 -19.74 -18.67
CA ARG D 5 -16.07 -18.53 -18.58
C ARG D 5 -14.60 -18.75 -18.92
N LEU D 6 -14.14 -19.98 -19.00
CA LEU D 6 -12.76 -20.29 -19.38
C LEU D 6 -12.69 -21.10 -20.67
N LYS D 7 -13.61 -20.80 -21.60
CA LYS D 7 -13.72 -21.51 -22.87
C LYS D 7 -12.39 -21.52 -23.62
N GLY D 8 -11.88 -22.72 -23.91
CA GLY D 8 -10.67 -22.87 -24.68
C GLY D 8 -9.38 -22.64 -23.92
N LYS D 9 -9.43 -22.37 -22.63
CA LYS D 9 -8.22 -22.11 -21.86
C LYS D 9 -7.57 -23.42 -21.45
N VAL D 10 -6.24 -23.43 -21.46
CA VAL D 10 -5.44 -24.59 -21.03
C VAL D 10 -4.52 -24.09 -19.92
N ALA D 11 -4.63 -24.71 -18.74
CA ALA D 11 -4.02 -24.19 -17.52
C ALA D 11 -3.12 -25.22 -16.85
N ILE D 12 -1.96 -24.75 -16.37
CA ILE D 12 -1.14 -25.49 -15.43
C ILE D 12 -1.38 -24.94 -14.04
N VAL D 13 -1.71 -25.81 -13.09
CA VAL D 13 -1.88 -25.44 -11.69
C VAL D 13 -0.89 -26.25 -10.87
N THR D 14 0.20 -25.59 -10.45
CA THR D 14 1.17 -26.27 -9.60
C THR D 14 0.60 -26.44 -8.20
N GLY D 15 0.95 -27.54 -7.57
CA GLY D 15 0.34 -27.87 -6.29
C GLY D 15 -1.16 -27.97 -6.38
N GLY D 16 -1.67 -28.56 -7.46
CA GLY D 16 -3.10 -28.60 -7.70
C GLY D 16 -3.75 -29.89 -7.26
N THR D 17 -3.10 -30.62 -6.36
CA THR D 17 -3.63 -31.90 -5.88
C THR D 17 -4.23 -31.84 -4.49
N LEU D 18 -4.03 -30.74 -3.76
CA LEU D 18 -4.61 -30.56 -2.44
C LEU D 18 -5.06 -29.12 -2.26
N GLY D 19 -5.93 -28.90 -1.28
CA GLY D 19 -6.26 -27.56 -0.80
C GLY D 19 -6.64 -26.58 -1.89
N ILE D 20 -6.06 -25.38 -1.81
CA ILE D 20 -6.45 -24.28 -2.70
C ILE D 20 -6.27 -24.68 -4.16
N GLY D 21 -5.12 -25.28 -4.49
CA GLY D 21 -4.84 -25.63 -5.87
C GLY D 21 -5.82 -26.67 -6.40
N LEU D 22 -6.24 -27.60 -5.54
CA LEU D 22 -7.28 -28.55 -5.91
C LEU D 22 -8.56 -27.84 -6.32
N ALA D 23 -9.05 -26.92 -5.48
CA ALA D 23 -10.29 -26.21 -5.80
C ALA D 23 -10.13 -25.36 -7.05
N ILE D 24 -8.96 -24.76 -7.26
CA ILE D 24 -8.71 -24.00 -8.48
C ILE D 24 -8.87 -24.89 -9.70
N ALA D 25 -8.25 -26.08 -9.66
CA ALA D 25 -8.39 -27.02 -10.77
C ALA D 25 -9.85 -27.44 -10.95
N ASP D 26 -10.53 -27.73 -9.86
CA ASP D 26 -11.94 -28.11 -9.92
C ASP D 26 -12.79 -27.06 -10.63
N LYS D 27 -12.71 -25.80 -10.20
CA LYS D 27 -13.54 -24.77 -10.81
C LYS D 27 -13.05 -24.35 -12.19
N PHE D 28 -11.77 -24.52 -12.48
CA PHE D 28 -11.29 -24.29 -13.84
C PHE D 28 -11.93 -25.26 -14.82
N VAL D 29 -11.95 -26.55 -14.47
CA VAL D 29 -12.61 -27.55 -15.31
C VAL D 29 -14.10 -27.25 -15.43
N GLU D 30 -14.73 -26.88 -14.31
CA GLU D 30 -16.15 -26.55 -14.32
C GLU D 30 -16.46 -25.41 -15.28
N GLU D 31 -15.48 -24.55 -15.58
CA GLU D 31 -15.70 -23.40 -16.45
C GLU D 31 -15.13 -23.61 -17.86
N GLY D 32 -14.80 -24.85 -18.22
CA GLY D 32 -14.47 -25.17 -19.60
C GLY D 32 -13.00 -25.26 -19.93
N ALA D 33 -12.11 -25.14 -18.95
CA ALA D 33 -10.68 -25.18 -19.22
C ALA D 33 -10.16 -26.60 -19.13
N LYS D 34 -9.09 -26.87 -19.89
CA LYS D 34 -8.29 -28.07 -19.71
C LYS D 34 -7.22 -27.76 -18.69
N VAL D 35 -7.02 -28.68 -17.74
CA VAL D 35 -6.17 -28.42 -16.59
C VAL D 35 -5.14 -29.52 -16.45
N VAL D 36 -3.90 -29.14 -16.16
CA VAL D 36 -2.85 -30.05 -15.71
C VAL D 36 -2.46 -29.62 -14.31
N ILE D 37 -2.66 -30.50 -13.34
CA ILE D 37 -2.25 -30.25 -11.97
C ILE D 37 -0.93 -30.95 -11.73
N THR D 38 -0.10 -30.36 -10.88
CA THR D 38 1.16 -30.98 -10.49
C THR D 38 1.21 -31.17 -8.98
N GLY D 39 2.21 -31.93 -8.56
CA GLY D 39 2.43 -32.28 -7.18
C GLY D 39 3.59 -33.25 -7.11
N ARG D 40 4.15 -33.44 -5.92
CA ARG D 40 5.30 -34.32 -5.72
C ARG D 40 4.91 -35.77 -5.48
N HIS D 41 3.84 -36.01 -4.72
CA HIS D 41 3.41 -37.36 -4.41
C HIS D 41 2.49 -37.84 -5.53
N ALA D 42 2.98 -38.77 -6.35
CA ALA D 42 2.19 -39.29 -7.47
C ALA D 42 1.01 -40.12 -6.99
N ASP D 43 1.15 -40.81 -5.86
CA ASP D 43 0.03 -41.55 -5.29
C ASP D 43 -1.14 -40.63 -5.00
N VAL D 44 -0.92 -39.65 -4.11
CA VAL D 44 -1.91 -38.62 -3.82
C VAL D 44 -2.36 -37.92 -5.10
N GLY D 45 -1.40 -37.59 -5.96
CA GLY D 45 -1.71 -36.80 -7.14
C GLY D 45 -2.57 -37.52 -8.15
N GLU D 46 -2.42 -38.84 -8.28
CA GLU D 46 -3.17 -39.57 -9.29
C GLU D 46 -4.66 -39.63 -8.94
N LYS D 47 -4.99 -39.93 -7.68
CA LYS D 47 -6.38 -39.98 -7.27
C LYS D 47 -7.01 -38.60 -7.27
N ALA D 48 -6.21 -37.57 -6.98
CA ALA D 48 -6.72 -36.20 -7.03
C ALA D 48 -7.21 -35.86 -8.44
N ALA D 49 -6.47 -36.28 -9.46
CA ALA D 49 -6.81 -35.90 -10.83
C ALA D 49 -8.18 -36.43 -11.23
N LYS D 50 -8.45 -37.71 -10.99
CA LYS D 50 -9.73 -38.24 -11.45
C LYS D 50 -10.89 -37.85 -10.54
N SER D 51 -10.62 -37.39 -9.32
CA SER D 51 -11.67 -36.86 -8.47
C SER D 51 -12.36 -35.65 -9.09
N ILE D 52 -11.69 -34.98 -10.03
CA ILE D 52 -12.26 -33.82 -10.71
C ILE D 52 -12.90 -34.20 -12.03
N GLY D 53 -12.22 -35.01 -12.84
CA GLY D 53 -12.77 -35.39 -14.12
C GLY D 53 -11.87 -36.37 -14.83
N GLY D 54 -12.24 -36.70 -16.07
CA GLY D 54 -11.47 -37.61 -16.87
C GLY D 54 -10.31 -36.92 -17.55
N THR D 55 -9.47 -37.74 -18.20
CA THR D 55 -8.26 -37.21 -18.82
C THR D 55 -8.54 -36.37 -20.06
N ASP D 56 -9.78 -36.26 -20.51
CA ASP D 56 -10.09 -35.35 -21.59
C ASP D 56 -10.19 -33.90 -21.13
N VAL D 57 -10.29 -33.67 -19.81
CA VAL D 57 -10.32 -32.31 -19.28
C VAL D 57 -9.26 -32.04 -18.23
N ILE D 58 -8.72 -33.06 -17.54
CA ILE D 58 -7.73 -32.83 -16.49
C ILE D 58 -6.76 -34.01 -16.46
N ARG D 59 -5.49 -33.69 -16.15
CA ARG D 59 -4.45 -34.70 -16.01
C ARG D 59 -3.46 -34.26 -14.93
N PHE D 60 -2.74 -35.23 -14.40
CA PHE D 60 -1.72 -34.99 -13.38
C PHE D 60 -0.33 -35.22 -13.96
N VAL D 61 0.61 -34.37 -13.56
CA VAL D 61 2.00 -34.50 -13.96
C VAL D 61 2.83 -34.31 -12.70
N GLN D 62 3.57 -35.36 -12.31
CA GLN D 62 4.45 -35.25 -11.16
C GLN D 62 5.55 -34.24 -11.46
N HIS D 63 5.66 -33.22 -10.62
CA HIS D 63 6.67 -32.19 -10.82
C HIS D 63 6.85 -31.40 -9.54
N ASP D 64 8.09 -31.25 -9.11
CA ASP D 64 8.45 -30.33 -8.03
C ASP D 64 8.62 -28.94 -8.64
N ALA D 65 7.89 -27.95 -8.10
CA ALA D 65 7.93 -26.61 -8.68
C ALA D 65 9.33 -26.02 -8.72
N SER D 66 10.23 -26.48 -7.84
CA SER D 66 11.61 -26.01 -7.85
C SER D 66 12.48 -26.73 -8.89
N ASP D 67 11.90 -27.63 -9.68
CA ASP D 67 12.65 -28.40 -10.67
C ASP D 67 12.63 -27.62 -11.98
N GLU D 68 13.72 -26.88 -12.24
CA GLU D 68 13.77 -25.96 -13.37
C GLU D 68 13.61 -26.70 -14.70
N ALA D 69 14.37 -27.79 -14.89
CA ALA D 69 14.27 -28.51 -16.15
C ALA D 69 12.91 -29.16 -16.32
N GLY D 70 12.33 -29.65 -15.22
CA GLY D 70 11.00 -30.23 -15.28
C GLY D 70 9.94 -29.26 -15.77
N TRP D 71 10.17 -27.95 -15.59
CA TRP D 71 9.19 -26.98 -16.07
C TRP D 71 9.06 -27.05 -17.59
N THR D 72 10.17 -27.23 -18.30
CA THR D 72 10.10 -27.36 -19.75
C THR D 72 9.35 -28.61 -20.16
N LYS D 73 9.61 -29.73 -19.49
CA LYS D 73 8.86 -30.96 -19.76
C LYS D 73 7.39 -30.78 -19.43
N LEU D 74 7.09 -30.07 -18.35
CA LEU D 74 5.70 -29.85 -17.94
C LEU D 74 4.93 -29.08 -19.01
N PHE D 75 5.52 -28.02 -19.56
CA PHE D 75 4.86 -27.28 -20.64
C PHE D 75 4.69 -28.14 -21.88
N ASP D 76 5.69 -28.96 -22.19
CA ASP D 76 5.61 -29.83 -23.36
C ASP D 76 4.49 -30.85 -23.21
N THR D 77 4.39 -31.48 -22.03
CA THR D 77 3.36 -32.49 -21.80
C THR D 77 1.96 -31.90 -21.85
N THR D 78 1.76 -30.73 -21.23
CA THR D 78 0.45 -30.10 -21.29
C THR D 78 0.11 -29.71 -22.72
N GLU D 79 1.10 -29.20 -23.46
CA GLU D 79 0.86 -28.73 -24.82
C GLU D 79 0.47 -29.89 -25.74
N GLU D 80 1.16 -31.04 -25.63
CA GLU D 80 0.79 -32.19 -26.44
C GLU D 80 -0.54 -32.79 -26.01
N ALA D 81 -0.95 -32.58 -24.74
CA ALA D 81 -2.20 -33.15 -24.27
C ALA D 81 -3.41 -32.31 -24.68
N PHE D 82 -3.33 -30.98 -24.48
CA PHE D 82 -4.50 -30.12 -24.65
C PHE D 82 -4.31 -28.95 -25.60
N GLY D 83 -3.11 -28.71 -26.12
CA GLY D 83 -2.87 -27.57 -26.95
C GLY D 83 -2.06 -26.50 -26.24
N PRO D 84 -1.82 -25.37 -26.90
CA PRO D 84 -0.96 -24.33 -26.31
C PRO D 84 -1.47 -23.86 -24.96
N VAL D 85 -0.55 -23.79 -23.98
CA VAL D 85 -0.89 -23.37 -22.63
C VAL D 85 -1.29 -21.90 -22.65
N THR D 86 -2.38 -21.57 -21.97
CA THR D 86 -2.85 -20.19 -21.87
C THR D 86 -2.78 -19.63 -20.46
N THR D 87 -2.62 -20.48 -19.44
CA THR D 87 -2.86 -20.06 -18.07
C THR D 87 -1.93 -20.80 -17.14
N VAL D 88 -1.20 -20.07 -16.32
CA VAL D 88 -0.26 -20.66 -15.37
C VAL D 88 -0.61 -20.14 -13.99
N VAL D 89 -0.93 -21.05 -13.07
CA VAL D 89 -1.21 -20.71 -11.68
C VAL D 89 -0.07 -21.28 -10.84
N ASN D 90 0.83 -20.39 -10.39
CA ASN D 90 1.97 -20.78 -9.56
C ASN D 90 1.50 -20.85 -8.12
N ASN D 91 0.95 -22.00 -7.73
CA ASN D 91 0.31 -22.16 -6.43
C ASN D 91 1.12 -22.98 -5.44
N ALA D 92 2.04 -23.82 -5.91
CA ALA D 92 2.83 -24.65 -5.00
C ALA D 92 3.58 -23.78 -3.99
N GLY D 93 3.51 -24.16 -2.73
CA GLY D 93 4.24 -23.45 -1.69
C GLY D 93 4.27 -24.23 -0.41
N ILE D 94 5.26 -23.89 0.43
CA ILE D 94 5.43 -24.53 1.73
C ILE D 94 5.57 -23.47 2.81
N ALA D 95 5.39 -23.89 4.06
CA ALA D 95 5.44 -23.01 5.21
C ALA D 95 6.49 -23.48 6.21
N VAL D 96 6.97 -22.53 7.01
CA VAL D 96 7.98 -22.79 8.04
C VAL D 96 7.64 -21.90 9.22
N SER D 97 7.35 -22.52 10.38
CA SER D 97 6.90 -21.76 11.55
C SER D 97 8.09 -21.35 12.41
N LYS D 98 8.82 -20.34 11.91
CA LYS D 98 9.98 -19.79 12.59
C LYS D 98 10.01 -18.28 12.41
N SER D 99 10.34 -17.58 13.49
CA SER D 99 10.72 -16.17 13.37
C SER D 99 11.97 -16.06 12.50
N VAL D 100 12.19 -14.87 11.93
CA VAL D 100 13.46 -14.58 11.26
C VAL D 100 14.63 -14.99 12.16
N GLU D 101 14.58 -14.60 13.43
CA GLU D 101 15.67 -14.90 14.35
C GLU D 101 15.94 -16.39 14.43
N ASP D 102 14.88 -17.20 14.40
CA ASP D 102 14.98 -18.64 14.66
C ASP D 102 15.05 -19.47 13.39
N THR D 103 15.11 -18.85 12.20
CA THR D 103 15.11 -19.59 10.95
C THR D 103 16.52 -20.11 10.68
N THR D 104 16.64 -21.42 10.42
CA THR D 104 17.93 -21.92 10.00
C THR D 104 18.12 -21.58 8.52
N THR D 105 19.39 -21.52 8.11
CA THR D 105 19.63 -21.25 6.70
C THR D 105 19.10 -22.37 5.81
N GLU D 106 19.10 -23.62 6.29
CA GLU D 106 18.49 -24.69 5.51
C GLU D 106 16.99 -24.48 5.33
N GLU D 107 16.30 -24.06 6.39
CA GLU D 107 14.86 -23.77 6.29
C GLU D 107 14.60 -22.62 5.32
N TRP D 108 15.40 -21.56 5.45
CA TRP D 108 15.30 -20.41 4.56
C TRP D 108 15.47 -20.81 3.11
N ARG D 109 16.53 -21.56 2.80
CA ARG D 109 16.79 -21.91 1.40
C ARG D 109 15.73 -22.85 0.87
N LYS D 110 15.27 -23.80 1.69
CA LYS D 110 14.30 -24.78 1.20
C LYS D 110 12.95 -24.13 0.88
N LEU D 111 12.46 -23.31 1.81
CA LEU D 111 11.21 -22.61 1.54
C LEU D 111 11.32 -21.72 0.30
N LEU D 112 12.41 -20.97 0.18
CA LEU D 112 12.52 -20.03 -0.93
C LEU D 112 12.70 -20.73 -2.27
N SER D 113 13.32 -21.92 -2.28
CA SER D 113 13.45 -22.64 -3.54
C SER D 113 12.09 -22.99 -4.14
N VAL D 114 11.11 -23.30 -3.29
CA VAL D 114 9.77 -23.61 -3.78
C VAL D 114 8.97 -22.33 -3.99
N ASN D 115 8.89 -21.51 -2.94
CA ASN D 115 7.93 -20.41 -2.92
C ASN D 115 8.36 -19.25 -3.80
N LEU D 116 9.65 -19.09 -4.03
CA LEU D 116 10.16 -18.02 -4.87
C LEU D 116 10.74 -18.54 -6.18
N ASP D 117 11.73 -19.44 -6.14
CA ASP D 117 12.35 -19.88 -7.39
C ASP D 117 11.34 -20.61 -8.27
N GLY D 118 10.50 -21.43 -7.66
CA GLY D 118 9.47 -22.13 -8.43
C GLY D 118 8.53 -21.18 -9.13
N VAL D 119 8.10 -20.13 -8.44
CA VAL D 119 7.23 -19.14 -9.05
C VAL D 119 7.96 -18.40 -10.17
N PHE D 120 9.25 -18.11 -9.95
CA PHE D 120 10.07 -17.49 -10.99
C PHE D 120 10.18 -18.38 -12.22
N PHE D 121 10.45 -19.69 -12.01
CA PHE D 121 10.58 -20.60 -13.13
C PHE D 121 9.28 -20.66 -13.94
N GLY D 122 8.13 -20.73 -13.26
CA GLY D 122 6.87 -20.81 -13.96
C GLY D 122 6.50 -19.52 -14.67
N THR D 123 6.76 -18.38 -14.04
CA THR D 123 6.47 -17.09 -14.68
C THR D 123 7.39 -16.86 -15.87
N ARG D 124 8.69 -17.12 -15.71
CA ARG D 124 9.61 -16.88 -16.81
C ARG D 124 9.25 -17.73 -18.02
N LEU D 125 9.07 -19.03 -17.80
CA LEU D 125 8.74 -19.92 -18.91
C LEU D 125 7.34 -19.63 -19.45
N GLY D 126 6.40 -19.29 -18.57
CA GLY D 126 5.07 -18.92 -19.04
C GLY D 126 5.10 -17.76 -20.02
N ILE D 127 5.91 -16.74 -19.75
CA ILE D 127 6.03 -15.61 -20.66
C ILE D 127 6.62 -16.07 -22.00
N GLN D 128 7.71 -16.84 -21.93
CA GLN D 128 8.38 -17.31 -23.14
C GLN D 128 7.45 -18.14 -24.01
N ARG D 129 6.68 -19.03 -23.39
CA ARG D 129 5.84 -19.98 -24.11
C ARG D 129 4.48 -19.43 -24.52
N MET D 130 3.96 -18.38 -23.87
CA MET D 130 2.62 -17.91 -24.14
C MET D 130 2.57 -16.56 -24.82
N LYS D 131 3.67 -15.81 -24.86
CA LYS D 131 3.65 -14.48 -25.46
C LYS D 131 3.36 -14.56 -26.95
N ASN D 132 2.72 -13.52 -27.46
CA ASN D 132 2.59 -13.27 -28.90
C ASN D 132 1.83 -14.37 -29.63
N LYS D 133 0.89 -15.03 -28.96
CA LYS D 133 0.07 -16.06 -29.59
C LYS D 133 -1.42 -15.76 -29.53
N GLY D 134 -1.80 -14.56 -29.11
CA GLY D 134 -3.21 -14.17 -29.08
C GLY D 134 -4.08 -15.04 -28.20
N LEU D 135 -3.52 -15.60 -27.13
CA LEU D 135 -4.22 -16.59 -26.32
C LEU D 135 -5.02 -16.00 -25.16
N GLY D 136 -4.92 -14.70 -24.90
CA GLY D 136 -5.47 -14.17 -23.67
C GLY D 136 -4.85 -14.84 -22.45
N ALA D 137 -3.52 -14.90 -22.46
CA ALA D 137 -2.79 -15.64 -21.44
C ALA D 137 -2.77 -14.89 -20.11
N SER D 138 -2.73 -15.66 -19.02
CA SER D 138 -2.81 -15.12 -17.67
C SER D 138 -1.92 -15.95 -16.76
N ILE D 139 -1.00 -15.27 -16.05
CA ILE D 139 -0.19 -15.91 -15.02
C ILE D 139 -0.70 -15.42 -13.68
N ILE D 140 -1.08 -16.36 -12.82
CA ILE D 140 -1.67 -16.09 -11.51
C ILE D 140 -0.71 -16.59 -10.46
N ASN D 141 -0.03 -15.68 -9.77
CA ASN D 141 0.97 -16.06 -8.78
C ASN D 141 0.36 -15.98 -7.40
N MET D 142 0.46 -17.07 -6.65
CA MET D 142 -0.15 -17.18 -5.33
C MET D 142 0.78 -16.54 -4.32
N SER D 143 0.44 -15.33 -3.91
CA SER D 143 1.10 -14.73 -2.76
C SER D 143 0.28 -15.12 -1.53
N SER D 144 -0.02 -14.16 -0.68
CA SER D 144 -0.67 -14.39 0.60
C SER D 144 -0.89 -13.02 1.22
N ILE D 145 -1.76 -12.97 2.23
CA ILE D 145 -1.77 -11.78 3.07
C ILE D 145 -0.39 -11.57 3.67
N GLU D 146 0.40 -12.66 3.79
CA GLU D 146 1.77 -12.59 4.29
C GLU D 146 2.73 -12.01 3.26
N GLY D 147 2.24 -11.62 2.10
CA GLY D 147 2.98 -10.76 1.20
C GLY D 147 2.68 -9.30 1.39
N LEU D 148 1.75 -8.99 2.28
CA LEU D 148 1.26 -7.64 2.52
C LEU D 148 1.56 -7.16 3.92
N VAL D 149 1.48 -8.05 4.91
CA VAL D 149 1.78 -7.74 6.29
C VAL D 149 2.77 -8.79 6.81
N GLY D 150 3.48 -8.43 7.86
CA GLY D 150 4.38 -9.38 8.46
C GLY D 150 3.69 -10.28 9.47
N ASP D 151 4.37 -11.38 9.79
CA ASP D 151 3.93 -12.29 10.84
C ASP D 151 5.20 -12.66 11.59
N PRO D 152 5.23 -12.46 12.91
CA PRO D 152 6.47 -12.68 13.67
C PRO D 152 6.98 -14.11 13.60
N THR D 153 6.13 -15.08 13.27
CA THR D 153 6.56 -16.48 13.26
C THR D 153 6.60 -17.07 11.85
N GLN D 154 6.64 -16.25 10.80
CA GLN D 154 6.69 -16.75 9.43
C GLN D 154 7.67 -15.92 8.60
N GLY D 155 8.91 -15.78 9.10
CA GLY D 155 9.86 -14.86 8.48
C GLY D 155 10.22 -15.22 7.05
N ALA D 156 10.64 -16.47 6.82
CA ALA D 156 10.99 -16.89 5.47
C ALA D 156 9.77 -16.85 4.54
N TYR D 157 8.62 -17.29 5.04
CA TYR D 157 7.40 -17.24 4.24
C TYR D 157 7.08 -15.81 3.83
N ASN D 158 7.19 -14.87 4.77
CA ASN D 158 6.98 -13.45 4.46
C ASN D 158 7.92 -12.99 3.36
N ALA D 159 9.20 -13.35 3.45
CA ALA D 159 10.15 -12.97 2.41
C ALA D 159 9.70 -13.49 1.05
N SER D 160 9.34 -14.77 0.98
CA SER D 160 8.96 -15.39 -0.28
C SER D 160 7.73 -14.71 -0.89
N LYS D 161 6.74 -14.39 -0.06
CA LYS D 161 5.49 -13.88 -0.59
C LYS D 161 5.59 -12.40 -0.96
N GLY D 162 6.42 -11.63 -0.25
CA GLY D 162 6.73 -10.28 -0.70
C GLY D 162 7.49 -10.28 -2.01
N ALA D 163 8.42 -11.22 -2.17
CA ALA D 163 9.13 -11.34 -3.44
C ALA D 163 8.18 -11.65 -4.58
N VAL D 164 7.27 -12.61 -4.38
CA VAL D 164 6.31 -12.95 -5.43
C VAL D 164 5.46 -11.75 -5.79
N ARG D 165 5.05 -10.98 -4.77
CA ARG D 165 4.21 -9.80 -4.96
C ARG D 165 4.81 -8.82 -5.96
N ILE D 166 6.09 -8.46 -5.78
CA ILE D 166 6.68 -7.40 -6.60
C ILE D 166 7.27 -7.96 -7.88
N MET D 167 7.85 -9.17 -7.85
CA MET D 167 8.35 -9.79 -9.08
C MET D 167 7.24 -9.89 -10.11
N SER D 168 6.03 -10.20 -9.65
CA SER D 168 4.90 -10.34 -10.57
C SER D 168 4.58 -9.02 -11.25
N LYS D 169 4.74 -7.89 -10.53
CA LYS D 169 4.53 -6.59 -11.17
C LYS D 169 5.53 -6.33 -12.28
N SER D 170 6.81 -6.67 -12.04
CA SER D 170 7.81 -6.58 -13.09
C SER D 170 7.35 -7.31 -14.35
N ALA D 171 6.98 -8.58 -14.18
CA ALA D 171 6.53 -9.40 -15.30
C ALA D 171 5.31 -8.80 -15.98
N ALA D 172 4.34 -8.35 -15.19
CA ALA D 172 3.14 -7.77 -15.78
C ALA D 172 3.47 -6.54 -16.62
N LEU D 173 4.35 -5.68 -16.13
CA LEU D 173 4.72 -4.47 -16.86
C LEU D 173 5.41 -4.82 -18.16
N ASP D 174 6.39 -5.72 -18.11
CA ASP D 174 7.12 -6.08 -19.32
C ASP D 174 6.17 -6.67 -20.37
N CYS D 175 5.30 -7.59 -19.95
CA CYS D 175 4.35 -8.18 -20.89
C CYS D 175 3.42 -7.12 -21.47
N ALA D 176 2.99 -6.15 -20.66
CA ALA D 176 2.10 -5.11 -21.17
C ALA D 176 2.82 -4.20 -22.15
N LEU D 177 4.02 -3.74 -21.77
CA LEU D 177 4.73 -2.78 -22.61
C LEU D 177 5.14 -3.37 -23.96
N LYS D 178 5.32 -4.69 -24.02
CA LYS D 178 5.70 -5.36 -25.26
C LYS D 178 4.53 -5.99 -25.99
N ASP D 179 3.29 -5.71 -25.58
CA ASP D 179 2.10 -6.26 -26.25
C ASP D 179 2.17 -7.79 -26.37
N TYR D 180 2.63 -8.44 -25.30
CA TYR D 180 2.79 -9.89 -25.33
C TYR D 180 1.46 -10.63 -25.28
N ASP D 181 0.38 -9.96 -24.88
CA ASP D 181 -0.90 -10.60 -24.59
C ASP D 181 -0.76 -11.64 -23.47
N VAL D 182 -0.04 -11.24 -22.42
CA VAL D 182 0.08 -12.03 -21.20
C VAL D 182 -0.13 -11.08 -20.03
N ARG D 183 -1.02 -11.46 -19.11
CA ARG D 183 -1.24 -10.71 -17.89
C ARG D 183 -0.64 -11.48 -16.71
N VAL D 184 -0.22 -10.74 -15.69
CA VAL D 184 0.36 -11.33 -14.49
C VAL D 184 -0.25 -10.60 -13.28
N ASN D 185 -0.87 -11.36 -12.39
CA ASN D 185 -1.50 -10.80 -11.18
C ASN D 185 -1.19 -11.71 -10.00
N THR D 186 -1.35 -11.18 -8.79
CA THR D 186 -1.14 -11.97 -7.60
C THR D 186 -2.43 -12.09 -6.81
N VAL D 187 -2.61 -13.23 -6.18
CA VAL D 187 -3.74 -13.52 -5.30
C VAL D 187 -3.20 -13.62 -3.88
N HIS D 188 -3.92 -13.01 -2.93
CA HIS D 188 -3.46 -12.92 -1.54
C HIS D 188 -4.55 -13.49 -0.65
N PRO D 189 -4.56 -14.81 -0.44
CA PRO D 189 -5.55 -15.39 0.48
C PRO D 189 -5.20 -15.07 1.93
N GLY D 190 -6.24 -14.85 2.72
CA GLY D 190 -6.11 -14.93 4.15
C GLY D 190 -6.13 -16.38 4.56
N PRO D 191 -6.38 -16.66 5.84
CA PRO D 191 -6.40 -18.05 6.29
C PRO D 191 -7.51 -18.84 5.61
N ILE D 192 -7.14 -20.00 5.05
CA ILE D 192 -8.02 -20.87 4.29
C ILE D 192 -7.89 -22.27 4.86
N LYS D 193 -9.03 -22.90 5.18
CA LYS D 193 -9.00 -24.27 5.72
C LYS D 193 -8.48 -25.21 4.63
N THR D 194 -7.21 -25.61 4.76
CA THR D 194 -6.53 -26.54 3.86
C THR D 194 -5.72 -27.54 4.70
N PRO D 195 -5.17 -28.60 4.10
CA PRO D 195 -4.25 -29.47 4.86
C PRO D 195 -3.11 -28.72 5.52
N LEU D 196 -2.54 -27.72 4.86
CA LEU D 196 -1.51 -26.90 5.48
C LEU D 196 -1.98 -26.31 6.80
N VAL D 197 -3.20 -25.77 6.81
CA VAL D 197 -3.75 -25.20 8.04
C VAL D 197 -4.25 -26.30 8.98
N ASP D 198 -4.81 -27.38 8.42
CA ASP D 198 -5.36 -28.45 9.26
C ASP D 198 -4.28 -29.11 10.10
N ASP D 199 -3.08 -29.26 9.55
CA ASP D 199 -2.01 -29.98 10.25
C ASP D 199 -1.26 -29.11 11.25
N ALA D 200 -1.43 -27.79 11.20
CA ALA D 200 -0.85 -26.91 12.22
C ALA D 200 -1.79 -26.88 13.41
N GLU D 201 -1.29 -27.33 14.57
CA GLU D 201 -2.15 -27.53 15.73
C GLU D 201 -2.77 -26.22 16.20
N GLY D 202 -4.10 -26.19 16.26
CA GLY D 202 -4.83 -25.02 16.71
C GLY D 202 -4.78 -23.82 15.78
N ALA D 203 -4.33 -23.99 14.54
CA ALA D 203 -4.17 -22.85 13.65
C ALA D 203 -5.51 -22.19 13.33
N GLU D 204 -6.54 -22.99 13.03
CA GLU D 204 -7.82 -22.43 12.62
C GLU D 204 -8.45 -21.63 13.75
N GLU D 205 -8.34 -22.10 14.98
CA GLU D 205 -8.92 -21.38 16.11
C GLU D 205 -8.16 -20.08 16.37
N PHE D 206 -6.83 -20.13 16.25
CA PHE D 206 -6.03 -18.93 16.44
C PHE D 206 -6.40 -17.87 15.42
N PHE D 207 -6.49 -18.25 14.15
CA PHE D 207 -6.76 -17.30 13.08
C PHE D 207 -8.24 -17.01 12.92
N SER D 208 -9.10 -17.63 13.71
CA SER D 208 -10.51 -17.27 13.77
C SER D 208 -10.78 -16.18 14.80
N GLN D 209 -9.79 -15.82 15.62
CA GLN D 209 -9.93 -14.70 16.52
C GLN D 209 -10.24 -13.43 15.72
N ARG D 210 -11.18 -12.63 16.24
CA ARG D 210 -11.58 -11.40 15.54
C ARG D 210 -10.41 -10.44 15.40
N THR D 211 -9.45 -10.46 16.34
CA THR D 211 -8.24 -9.67 16.20
C THR D 211 -7.37 -10.14 15.03
N LYS D 212 -7.62 -11.34 14.52
CA LYS D 212 -6.91 -11.81 13.33
C LYS D 212 -7.80 -11.72 12.10
N THR D 213 -8.86 -12.54 12.02
CA THR D 213 -9.80 -12.45 10.91
C THR D 213 -11.10 -11.84 11.39
N PRO D 214 -11.44 -10.61 10.96
CA PRO D 214 -12.65 -9.96 11.50
C PRO D 214 -13.94 -10.73 11.29
N MET D 215 -14.04 -11.54 10.24
CA MET D 215 -15.25 -12.33 10.01
C MET D 215 -15.43 -13.43 11.06
N GLY D 216 -14.41 -13.71 11.86
CA GLY D 216 -14.57 -14.69 12.93
C GLY D 216 -14.51 -16.13 12.47
N HIS D 217 -14.02 -16.38 11.25
CA HIS D 217 -13.82 -17.72 10.73
C HIS D 217 -12.82 -17.62 9.59
N ILE D 218 -12.28 -18.75 9.19
CA ILE D 218 -11.34 -18.80 8.08
C ILE D 218 -12.09 -19.21 6.82
N GLY D 219 -11.48 -18.95 5.67
CA GLY D 219 -12.12 -19.22 4.39
C GLY D 219 -11.96 -20.67 3.96
N GLU D 220 -12.46 -20.95 2.76
CA GLU D 220 -12.46 -22.28 2.17
C GLU D 220 -11.82 -22.24 0.80
N PRO D 221 -11.27 -23.36 0.32
CA PRO D 221 -10.52 -23.32 -0.95
C PRO D 221 -11.30 -22.76 -2.11
N ASN D 222 -12.62 -22.93 -2.12
CA ASN D 222 -13.41 -22.37 -3.22
C ASN D 222 -13.36 -20.85 -3.24
N ASP D 223 -13.10 -20.22 -2.08
CA ASP D 223 -13.00 -18.76 -2.05
C ASP D 223 -11.85 -18.28 -2.93
N ILE D 224 -10.74 -19.03 -2.95
CA ILE D 224 -9.63 -18.64 -3.81
C ILE D 224 -9.85 -19.12 -5.23
N ALA D 225 -10.55 -20.26 -5.40
CA ALA D 225 -10.80 -20.75 -6.75
C ALA D 225 -11.51 -19.71 -7.60
N TRP D 226 -12.54 -19.06 -7.03
CA TRP D 226 -13.37 -18.18 -7.85
C TRP D 226 -12.65 -16.91 -8.26
N ILE D 227 -11.73 -16.39 -7.44
CA ILE D 227 -10.99 -15.21 -7.90
C ILE D 227 -9.98 -15.60 -8.99
N CYS D 228 -9.40 -16.80 -8.91
CA CYS D 228 -8.55 -17.29 -9.99
C CYS D 228 -9.32 -17.52 -11.27
N VAL D 229 -10.58 -17.93 -11.18
CA VAL D 229 -11.40 -18.06 -12.39
C VAL D 229 -11.56 -16.70 -13.04
N TYR D 230 -11.90 -15.68 -12.26
CA TYR D 230 -11.97 -14.32 -12.78
C TYR D 230 -10.66 -13.92 -13.45
N LEU D 231 -9.52 -14.22 -12.80
CA LEU D 231 -8.23 -13.78 -13.31
C LEU D 231 -7.76 -14.57 -14.52
N ALA D 232 -8.17 -15.84 -14.66
CA ALA D 232 -7.83 -16.62 -15.84
C ALA D 232 -8.71 -16.28 -17.04
N SER D 233 -9.90 -15.73 -16.80
CA SER D 233 -10.88 -15.45 -17.83
C SER D 233 -10.56 -14.15 -18.55
N ASP D 234 -11.05 -14.04 -19.79
CA ASP D 234 -10.96 -12.79 -20.53
C ASP D 234 -11.81 -11.68 -19.93
N GLU D 235 -12.65 -11.99 -18.93
CA GLU D 235 -13.36 -10.96 -18.18
C GLU D 235 -12.40 -9.96 -17.56
N SER D 236 -11.17 -10.39 -17.28
CA SER D 236 -10.19 -9.59 -16.56
C SER D 236 -9.08 -9.09 -17.48
N LYS D 237 -9.37 -8.92 -18.77
CA LYS D 237 -8.37 -8.55 -19.77
C LYS D 237 -7.72 -7.19 -19.53
N PHE D 238 -8.26 -6.35 -18.63
CA PHE D 238 -7.63 -5.08 -18.29
C PHE D 238 -6.93 -5.13 -16.94
N ALA D 239 -6.93 -6.27 -16.26
CA ALA D 239 -6.29 -6.42 -14.95
C ALA D 239 -4.90 -7.03 -15.12
N THR D 240 -3.87 -6.27 -14.75
CA THR D 240 -2.51 -6.81 -14.74
C THR D 240 -1.69 -6.04 -13.71
N GLY D 241 -0.76 -6.77 -13.07
CA GLY D 241 0.11 -6.19 -12.07
C GLY D 241 -0.55 -5.89 -10.73
N ALA D 242 -1.75 -6.42 -10.49
CA ALA D 242 -2.57 -6.03 -9.34
C ALA D 242 -2.66 -7.15 -8.31
N GLU D 243 -3.12 -6.79 -7.12
CA GLU D 243 -3.16 -7.69 -5.97
C GLU D 243 -4.60 -7.94 -5.58
N PHE D 244 -5.00 -9.22 -5.53
CA PHE D 244 -6.39 -9.60 -5.28
C PHE D 244 -6.46 -10.31 -3.95
N VAL D 245 -7.13 -9.66 -2.98
CA VAL D 245 -7.05 -10.01 -1.57
C VAL D 245 -8.39 -10.59 -1.14
N VAL D 246 -8.38 -11.84 -0.70
CA VAL D 246 -9.58 -12.54 -0.26
C VAL D 246 -9.24 -13.12 1.12
N ASP D 247 -9.60 -12.37 2.18
CA ASP D 247 -8.99 -12.62 3.49
C ASP D 247 -9.90 -12.32 4.68
N GLY D 248 -11.21 -12.20 4.49
CA GLY D 248 -12.07 -12.03 5.66
C GLY D 248 -11.88 -10.73 6.39
N GLY D 249 -11.22 -9.75 5.76
CA GLY D 249 -10.92 -8.47 6.37
C GLY D 249 -9.60 -8.41 7.09
N TYR D 250 -8.79 -9.47 7.00
CA TYR D 250 -7.60 -9.58 7.84
C TYR D 250 -6.69 -8.36 7.69
N THR D 251 -6.44 -7.94 6.46
CA THR D 251 -5.52 -6.82 6.23
C THR D 251 -6.21 -5.47 6.24
N ALA D 252 -7.54 -5.43 6.34
CA ALA D 252 -8.27 -4.18 6.41
C ALA D 252 -8.18 -3.49 7.77
N GLN D 253 -7.76 -4.21 8.81
CA GLN D 253 -7.52 -3.60 10.10
C GLN D 253 -6.03 -3.60 10.49
MG MG E . 3.17 4.73 -10.09
C1 BTB F . 17.54 -17.40 -4.67
O1 BTB F . 16.68 -17.99 -5.62
C2 BTB F . 17.52 -18.19 -3.35
C3 BTB F . 17.87 -17.26 -2.18
O3 BTB F . 17.77 -17.96 -0.95
C4 BTB F . 16.10 -18.76 -3.18
O4 BTB F . 15.11 -17.79 -3.48
N BTB F . 18.54 -19.32 -3.43
C5 BTB F . 18.02 -20.70 -3.19
C6 BTB F . 18.42 -21.60 -4.34
O6 BTB F . 18.09 -21.01 -5.58
C7 BTB F . 19.91 -19.05 -2.88
C8 BTB F . 20.88 -18.64 -3.95
O8 BTB F . 20.50 -17.41 -4.55
C1 GOL G . 22.32 5.15 24.88
O1 GOL G . 21.30 5.76 25.64
C2 GOL G . 21.70 4.18 23.87
O2 GOL G . 20.48 4.72 23.38
C3 GOL G . 22.66 3.98 22.71
O3 GOL G . 23.24 2.71 22.81
PA NAP H . 26.71 1.26 -5.26
O1A NAP H . 27.02 2.71 -5.53
O2A NAP H . 26.92 0.16 -6.24
O5B NAP H . 27.49 0.87 -3.91
C5B NAP H . 27.39 -0.49 -3.50
C4B NAP H . 28.17 -0.67 -2.22
O4B NAP H . 27.90 -2.00 -1.82
C3B NAP H . 29.67 -0.58 -2.45
O3B NAP H . 30.28 -0.19 -1.22
C2B NAP H . 30.05 -2.01 -2.77
O2B NAP H . 31.41 -2.28 -2.48
C1B NAP H . 29.13 -2.76 -1.82
N9A NAP H . 28.80 -4.12 -2.26
C8A NAP H . 28.39 -4.55 -3.45
N7A NAP H . 28.20 -5.88 -3.42
C5A NAP H . 28.49 -6.32 -2.18
C6A NAP H . 28.49 -7.60 -1.47
N6A NAP H . 28.15 -8.75 -2.08
N1A NAP H . 28.86 -7.57 -0.17
C2A NAP H . 29.23 -6.44 0.46
N3A NAP H . 29.24 -5.22 -0.13
C4A NAP H . 28.89 -5.15 -1.42
O3 NAP H . 25.20 1.07 -4.73
PN NAP H . 24.16 2.17 -4.20
O1N NAP H . 23.42 2.75 -5.39
O2N NAP H . 24.79 3.09 -3.21
O5D NAP H . 23.09 1.16 -3.52
C5D NAP H . 23.13 0.88 -2.11
C4D NAP H . 21.83 0.17 -1.75
O4D NAP H . 20.76 1.04 -2.10
C3D NAP H . 21.60 -1.11 -2.54
O3D NAP H . 20.88 -2.03 -1.71
C2D NAP H . 20.65 -0.70 -3.63
O2D NAP H . 19.83 -1.79 -4.02
C1D NAP H . 19.82 0.34 -2.91
N1N NAP H . 19.16 1.34 -3.77
C2N NAP H . 19.86 2.14 -4.59
C3N NAP H . 19.18 3.09 -5.37
C7N NAP H . 19.90 4.02 -6.31
O7N NAP H . 19.22 4.71 -7.06
N7N NAP H . 21.23 4.11 -6.27
C4N NAP H . 17.81 3.21 -5.28
C5N NAP H . 17.12 2.39 -4.39
C6N NAP H . 17.82 1.46 -3.65
P2B NAP H . 32.20 -3.43 -3.28
O1X NAP H . 31.86 -3.33 -4.74
O2X NAP H . 33.62 -3.10 -2.88
O3X NAP H . 31.75 -4.73 -2.65
C02 J66 I . 15.90 2.17 -8.09
C05 J66 I . 18.05 1.23 -8.11
C06 J66 I . 17.98 2.30 -9.22
C07 J66 I . 18.93 2.73 -10.15
C08 J66 I . 18.59 3.73 -11.05
C09 J66 I . 17.31 4.29 -11.02
C10 J66 I . 16.37 3.85 -10.11
C11 J66 I . 16.72 2.85 -9.21
N03 J66 I . 16.76 1.21 -7.47
O01 J66 I . 14.78 2.39 -7.80
O04 J66 I . 16.39 0.39 -6.41
O12 J66 I . 18.99 0.57 -7.85
C1 GOL J . -1.63 27.63 -12.28
O1 GOL J . -2.50 26.63 -12.78
C2 GOL J . -0.33 27.59 -13.08
O2 GOL J . 0.74 27.16 -12.27
C3 GOL J . -0.06 28.97 -13.65
O3 GOL J . -0.47 28.98 -15.00
PA NAP K . -19.78 8.97 -16.50
O1A NAP K . -19.55 8.28 -17.83
O2A NAP K . -19.70 10.47 -16.39
O5B NAP K . -21.18 8.49 -15.89
C5B NAP K . -21.61 9.03 -14.65
C4B NAP K . -22.95 8.41 -14.30
O4B NAP K . -23.28 8.90 -13.02
C3B NAP K . -24.03 8.89 -15.26
O3B NAP K . -25.03 7.87 -15.31
C2B NAP K . -24.57 10.12 -14.57
O2B NAP K . -25.92 10.38 -14.94
C1B NAP K . -24.48 9.68 -13.13
N9A NAP K . -24.37 10.81 -12.17
C8A NAP K . -23.58 11.89 -12.26
N7A NAP K . -23.77 12.68 -11.18
C5A NAP K . -24.67 12.07 -10.39
C6A NAP K . -25.32 12.36 -9.09
N6A NAP K . -25.00 13.48 -8.41
N1A NAP K . -26.20 11.45 -8.62
C2A NAP K . -26.52 10.33 -9.30
N3A NAP K . -25.98 10.02 -10.49
C4A NAP K . -25.06 10.84 -11.06
O3 NAP K . -18.75 8.40 -15.38
PN NAP K . -17.92 7.01 -15.37
O1N NAP K . -16.60 7.30 -16.02
O2N NAP K . -18.74 5.81 -15.79
O5D NAP K . -17.65 6.92 -13.79
C5D NAP K . -18.35 6.05 -12.91
C4D NAP K . -17.61 5.98 -11.58
O4D NAP K . -16.34 5.39 -11.83
C3D NAP K . -17.31 7.34 -10.94
O3D NAP K . -17.33 7.17 -9.51
C2D NAP K . -15.88 7.64 -11.36
O2D NAP K . -15.21 8.48 -10.41
C1D NAP K . -15.29 6.24 -11.35
N1N NAP K . -14.12 6.03 -12.19
C2N NAP K . -14.10 6.35 -13.50
C3N NAP K . -12.97 6.11 -14.28
C7N NAP K . -12.88 6.45 -15.74
O7N NAP K . -11.77 6.48 -16.29
N7N NAP K . -14.01 6.71 -16.43
C4N NAP K . -11.86 5.51 -13.68
C5N NAP K . -11.90 5.18 -12.33
C6N NAP K . -13.05 5.44 -11.61
P2B NAP K . -26.56 11.85 -14.80
O1X NAP K . -25.56 12.78 -15.43
O2X NAP K . -27.87 11.72 -15.56
O3X NAP K . -26.74 12.06 -13.32
C01 J69 L . -10.76 7.79 -12.05
C02 J69 L . -10.45 8.39 -13.16
C03 J69 L . -11.39 9.42 -13.78
C04 J69 L . -9.14 8.08 -13.87
C06 J69 L . -7.60 8.49 -15.60
O05 J69 L . -8.90 8.56 -15.13
O07 J69 L . -8.37 7.42 -13.31
MG MG M . -3.25 -4.94 10.07
C1 BTB N . -17.70 16.92 2.46
O1 BTB N . -18.38 16.28 3.52
C2 BTB N . -17.39 18.37 2.85
C3 BTB N . -16.40 18.39 4.01
O3 BTB N . -15.16 17.79 3.64
C4 BTB N . -16.82 19.11 1.63
O4 BTB N . -16.64 20.50 1.87
N BTB N . -18.73 18.96 3.26
C5 BTB N . -18.65 20.26 4.00
C6 BTB N . -19.30 20.19 5.37
O6 BTB N . -18.70 19.18 6.15
C7 BTB N . -19.70 19.02 2.13
C8 BTB N . -21.13 19.03 2.61
O8 BTB N . -21.41 17.88 3.38
C1 EDO O . 11.22 20.60 -7.08
O1 EDO O . 10.69 19.87 -8.16
C2 EDO O . 10.38 21.76 -6.68
O2 EDO O . 9.14 21.42 -6.07
C1 PEG P . -29.96 7.47 7.79
O1 PEG P . -31.09 7.95 7.11
C2 PEG P . -29.86 7.99 9.20
O2 PEG P . -28.74 7.39 9.83
C3 PEG P . -28.59 7.74 11.21
C4 PEG P . -27.35 7.12 11.76
O4 PEG P . -27.24 7.27 13.16
PA NAP Q . -5.46 16.88 20.71
O1A NAP Q . -4.67 16.34 21.86
O2A NAP Q . -6.97 16.89 20.80
O5B NAP Q . -4.99 18.35 20.31
C5B NAP Q . -5.73 18.98 19.27
C4B NAP Q . -5.16 20.36 19.03
O4B NAP Q . -5.85 20.90 17.90
C3B NAP Q . -5.48 21.27 20.20
O3B NAP Q . -4.49 22.30 20.22
C2B NAP Q . -6.80 21.88 19.81
O2B NAP Q . -6.96 23.16 20.38
C1B NAP Q . -6.62 22.02 18.32
N9A NAP Q . -7.87 22.05 17.55
C8A NAP Q . -8.94 21.23 17.64
N7A NAP Q . -9.89 21.57 16.74
C5A NAP Q . -9.43 22.63 16.04
C6A NAP Q . -9.91 23.49 14.93
N6A NAP Q . -11.12 23.31 14.37
N1A NAP Q . -9.09 24.48 14.52
C2A NAP Q . -7.89 24.70 15.06
N3A NAP Q . -7.39 23.96 16.07
C4A NAP Q . -8.10 22.93 16.58
O3 NAP Q . -5.15 16.07 19.34
PN NAP Q . -3.86 15.17 19.00
O1N NAP Q . -4.05 13.77 19.55
O2N NAP Q . -2.61 15.94 19.34
O5D NAP Q . -4.06 15.09 17.42
C5D NAP Q . -3.33 15.96 16.54
C4D NAP Q . -3.52 15.43 15.12
O4D NAP Q . -2.94 14.13 15.09
C3D NAP Q . -4.96 15.30 14.68
O3D NAP Q . -5.03 15.59 13.27
C2D NAP Q . -5.26 13.83 14.90
O2D NAP Q . -6.27 13.35 14.01
C1D NAP Q . -3.91 13.22 14.56
N1N NAP Q . -3.63 11.91 15.15
C2N NAP Q . -3.62 11.70 16.48
C3N NAP Q . -3.33 10.43 16.97
C7N NAP Q . -3.29 10.10 18.45
O7N NAP Q . -3.19 8.94 18.78
N7N NAP Q . -3.33 11.10 19.34
C4N NAP Q . -3.04 9.39 16.09
C5N NAP Q . -3.03 9.64 14.74
C6N NAP Q . -3.34 10.92 14.30
P2B NAP Q . -8.45 23.76 20.62
O1X NAP Q . -9.27 22.61 21.14
O2X NAP Q . -8.18 24.85 21.63
O3X NAP Q . -8.88 24.28 19.26
C02 J66 R . -5.49 6.69 16.00
C05 J66 R . -6.40 8.71 16.73
C06 J66 R . -6.40 7.73 17.91
C07 J66 R . -6.84 7.88 19.23
C08 J66 R . -6.72 6.81 20.12
C09 J66 R . -6.16 5.61 19.69
C10 J66 R . -5.74 5.46 18.37
C11 J66 R . -5.86 6.54 17.48
N03 J66 R . -5.84 8.02 15.60
O01 J66 R . -5.01 5.87 15.29
O04 J66 R . -5.66 8.55 14.33
O12 J66 R . -6.80 9.82 16.76
C1 EDO S . 14.25 -21.90 18.46
O1 EDO S . 13.10 -22.26 17.71
C2 EDO S . 13.95 -21.04 19.63
O2 EDO S . 15.12 -20.61 20.31
C1 EDO T . -3.83 -3.47 -3.76
O1 EDO T . -3.44 -2.37 -4.56
C2 EDO T . -5.14 -4.04 -4.17
O2 EDO T . -5.51 -5.09 -3.30
C1 GOL U . -11.09 -14.54 -29.76
C1 GOL U . -10.65 -14.69 -29.31
O1 GOL U . -12.39 -14.05 -29.52
O1 GOL U . -9.76 -14.03 -28.43
C2 GOL U . -10.94 -15.91 -29.10
C2 GOL U . -10.63 -16.18 -29.00
O2 GOL U . -9.73 -16.50 -29.56
O2 GOL U . -9.49 -16.78 -29.57
C3 GOL U . -10.89 -15.74 -27.60
C3 GOL U . -10.58 -16.39 -27.49
O3 GOL U . -11.64 -16.76 -26.97
O3 GOL U . -11.89 -16.64 -27.00
PA NAP V . -1.46 -27.29 1.05
O1A NAP V . -2.85 -27.62 1.57
O2A NAP V . -0.23 -27.75 1.78
O5B NAP V . -1.34 -27.79 -0.47
C5B NAP V . -0.08 -27.62 -1.10
C4B NAP V . -0.08 -28.27 -2.46
O4B NAP V . 1.14 -27.94 -3.11
C3B NAP V . -0.13 -29.78 -2.33
O3B NAP V . -0.82 -30.31 -3.46
C2B NAP V . 1.33 -30.18 -2.46
O2B NAP V . 1.46 -31.48 -3.01
C1B NAP V . 1.83 -29.14 -3.42
N9A NAP V . 3.29 -28.91 -3.30
C8A NAP V . 3.98 -28.70 -2.17
N7A NAP V . 5.29 -28.51 -2.45
C5A NAP V . 5.43 -28.62 -3.78
C6A NAP V . 6.55 -28.53 -4.73
N6A NAP V . 7.82 -28.30 -4.30
N1A NAP V . 6.26 -28.71 -6.04
C2A NAP V . 5.01 -28.95 -6.49
N3A NAP V . 3.94 -29.03 -5.68
C4A NAP V . 4.11 -28.88 -4.34
O3 NAP V . -1.29 -25.69 0.87
PN NAP V . -2.47 -24.62 0.57
O1N NAP V . -3.00 -24.13 1.89
O2N NAP V . -3.42 -25.14 -0.48
O5D NAP V . -1.55 -23.49 -0.10
C5D NAP V . -1.61 -23.24 -1.50
C4D NAP V . -0.87 -21.94 -1.78
O4D NAP V . -1.60 -20.87 -1.20
C3D NAP V . 0.52 -21.87 -1.16
O3D NAP V . 1.35 -21.11 -2.04
C2D NAP V . 0.33 -21.09 0.12
O2D NAP V . 1.52 -20.40 0.52
C1D NAP V . -0.79 -20.14 -0.29
N1N NAP V . -1.63 -19.66 0.80
C2N NAP V . -2.29 -20.49 1.63
C3N NAP V . -3.10 -19.97 2.64
C7N NAP V . -3.86 -20.84 3.61
O7N NAP V . -4.33 -20.33 4.61
N7N NAP V . -4.01 -22.15 3.32
C4N NAP V . -3.25 -18.60 2.76
C5N NAP V . -2.57 -17.76 1.89
C6N NAP V . -1.77 -18.34 0.91
P2B NAP V . 2.65 -32.45 -2.54
O1X NAP V . 2.56 -32.47 -1.03
O2X NAP V . 2.27 -33.74 -3.22
O3X NAP V . 3.89 -31.80 -3.08
C01 J69 W . -0.57 -17.65 3.97
C02 J69 W . -0.93 -18.06 5.15
C03 J69 W . -0.51 -19.47 5.53
C04 J69 W . -1.75 -17.15 6.08
C06 J69 W . -2.39 -18.89 7.60
O05 J69 W . -2.48 -17.55 7.19
O07 J69 W . -1.79 -16.02 5.84
#